data_6BZH
#
_entry.id   6BZH
#
_cell.length_a   90.190
_cell.length_b   97.560
_cell.length_c   113.290
_cell.angle_alpha   90.00
_cell.angle_beta   90.00
_cell.angle_gamma   90.00
#
_symmetry.space_group_name_H-M   'P 21 21 21'
#
loop_
_entity.id
_entity.type
_entity.pdbx_description
1 polymer 'Probable ATP-dependent RNA helicase DDX58'
2 non-polymer 1,2-ETHANEDIOL
3 non-polymer 'CHLORIDE ION'
4 water water
#
_entity_poly.entity_id   1
_entity_poly.type   'polypeptide(L)'
_entity_poly.pdbx_seq_one_letter_code
;GSSARQTAEQRQNLQAFRDYIKKILDPTYILSYMSSWLEDEEVQYIQAEKNNKGPMEAASLFLQYLLKLQSEGWFQAFLD
ALYHAGYCGLCEAIESWDFQKIEKLEEHRLLLRRLEPEFKATVDPNDILSELSECLINQECEEIRQIRDTKGRMAGAEKM
AECLIRSDKENWPKVLQLALEKDNSKFSELWIVD
;
_entity_poly.pdbx_strand_id   A,B,C,D,E
#
# COMPACT_ATOMS: atom_id res chain seq x y z
N SER A 3 -16.27 26.19 39.38
CA SER A 3 -15.41 26.86 40.35
C SER A 3 -13.94 26.60 40.05
N ALA A 4 -13.09 27.57 40.40
CA ALA A 4 -11.66 27.43 40.12
C ALA A 4 -11.04 26.30 40.91
N ARG A 5 -11.58 25.97 42.09
CA ARG A 5 -11.07 24.85 42.86
C ARG A 5 -11.20 23.56 42.08
N GLN A 6 -12.41 23.28 41.57
CA GLN A 6 -12.64 22.06 40.82
C GLN A 6 -11.78 22.01 39.56
N THR A 7 -11.70 23.14 38.83
CA THR A 7 -10.78 23.21 37.70
C THR A 7 -9.35 22.90 38.11
N ALA A 8 -8.89 23.53 39.20
CA ALA A 8 -7.52 23.31 39.64
C ALA A 8 -7.26 21.85 40.00
N GLU A 9 -8.19 21.23 40.75
CA GLU A 9 -8.00 19.84 41.14
C GLU A 9 -8.13 18.90 39.94
N GLN A 10 -9.02 19.21 39.01
CA GLN A 10 -9.19 18.36 37.83
C GLN A 10 -7.93 18.37 36.98
N ARG A 11 -7.25 19.52 36.87
CA ARG A 11 -6.02 19.58 36.10
C ARG A 11 -4.93 18.71 36.72
N GLN A 12 -4.81 18.73 38.05
CA GLN A 12 -3.75 17.95 38.68
C GLN A 12 -3.96 16.46 38.45
N ASN A 13 -5.21 16.00 38.51
CA ASN A 13 -5.48 14.58 38.32
C ASN A 13 -5.31 14.17 36.86
N LEU A 14 -5.72 15.02 35.91
CA LEU A 14 -5.48 14.72 34.51
C LEU A 14 -3.99 14.59 34.23
N GLN A 15 -3.21 15.54 34.74
CA GLN A 15 -1.76 15.47 34.61
C GLN A 15 -1.20 14.22 35.27
N ALA A 16 -1.78 13.82 36.41
CA ALA A 16 -1.30 12.64 37.12
C ALA A 16 -1.48 11.37 36.28
N PHE A 17 -2.58 11.27 35.54
CA PHE A 17 -2.90 10.07 34.80
C PHE A 17 -2.65 10.20 33.30
N ARG A 18 -1.88 11.20 32.87
CA ARG A 18 -1.71 11.45 31.45
C ARG A 18 -1.17 10.23 30.70
N ASP A 19 -0.47 9.32 31.39
CA ASP A 19 0.09 8.18 30.70
C ASP A 19 -0.93 7.06 30.49
N TYR A 20 -1.89 6.91 31.41
CA TYR A 20 -2.98 5.97 31.18
C TYR A 20 -3.90 6.48 30.07
N ILE A 21 -4.14 7.79 30.06
CA ILE A 21 -5.07 8.38 29.10
C ILE A 21 -4.51 8.28 27.69
N LYS A 22 -3.26 8.71 27.49
CA LYS A 22 -2.68 8.74 26.15
C LYS A 22 -2.44 7.35 25.58
N LYS A 23 -2.59 6.29 26.36
CA LYS A 23 -2.51 4.94 25.82
C LYS A 23 -3.85 4.40 25.36
N ILE A 24 -4.95 5.06 25.76
CA ILE A 24 -6.29 4.60 25.44
C ILE A 24 -7.01 5.58 24.52
N LEU A 25 -6.86 6.88 24.76
CA LEU A 25 -7.69 7.87 24.11
C LEU A 25 -7.12 8.23 22.74
N ASP A 26 -7.92 8.06 21.69
CA ASP A 26 -7.66 8.68 20.40
C ASP A 26 -8.56 9.91 20.31
N PRO A 27 -8.02 11.11 20.52
CA PRO A 27 -8.90 12.29 20.63
C PRO A 27 -9.71 12.59 19.39
N THR A 28 -9.31 12.11 18.22
CA THR A 28 -10.09 12.35 17.01
C THR A 28 -11.51 11.81 17.13
N TYR A 29 -11.73 10.84 18.03
CA TYR A 29 -13.05 10.24 18.17
C TYR A 29 -13.97 11.01 19.12
N ILE A 30 -13.44 11.93 19.93
CA ILE A 30 -14.29 12.70 20.82
C ILE A 30 -14.24 14.19 20.50
N LEU A 31 -13.75 14.55 19.32
CA LEU A 31 -13.65 15.96 18.96
C LEU A 31 -14.99 16.53 18.52
N SER A 32 -15.86 15.70 17.96
CA SER A 32 -17.17 16.15 17.53
C SER A 32 -18.05 16.55 18.72
N TYR A 33 -17.80 15.96 19.90
CA TYR A 33 -18.55 16.33 21.08
C TYR A 33 -17.93 17.55 21.78
N MET A 34 -16.68 17.88 21.47
CA MET A 34 -15.97 18.98 22.14
C MET A 34 -15.53 20.09 21.21
N SER A 35 -15.87 20.03 19.92
CA SER A 35 -15.45 21.09 19.00
C SER A 35 -15.85 22.47 19.49
N SER A 36 -16.89 22.56 20.31
CA SER A 36 -17.38 23.83 20.84
C SER A 36 -16.51 24.37 21.98
N TRP A 37 -15.61 23.58 22.55
CA TRP A 37 -14.77 24.02 23.65
C TRP A 37 -13.36 24.36 23.24
N LEU A 38 -12.95 24.02 22.02
CA LEU A 38 -11.60 24.27 21.54
C LEU A 38 -11.62 25.20 20.33
N GLU A 39 -10.54 25.95 20.17
CA GLU A 39 -10.38 26.79 18.99
C GLU A 39 -10.32 25.91 17.74
N ASP A 40 -10.80 26.46 16.63
CA ASP A 40 -10.73 25.73 15.36
C ASP A 40 -9.29 25.34 15.05
N GLU A 41 -8.34 26.22 15.36
CA GLU A 41 -6.93 25.91 15.13
C GLU A 41 -6.49 24.73 15.97
N GLU A 42 -6.90 24.69 17.23
CA GLU A 42 -6.48 23.61 18.11
C GLU A 42 -7.10 22.28 17.68
N VAL A 43 -8.35 22.30 17.22
CA VAL A 43 -8.99 21.08 16.74
C VAL A 43 -8.24 20.52 15.54
N GLN A 44 -7.90 21.39 14.57
CA GLN A 44 -7.25 20.93 13.36
C GLN A 44 -5.81 20.50 13.60
N TYR A 45 -5.11 21.17 14.52
CA TYR A 45 -3.77 20.72 14.86
C TYR A 45 -3.79 19.32 15.46
N ILE A 46 -4.78 19.04 16.32
CA ILE A 46 -4.90 17.70 16.89
C ILE A 46 -5.15 16.67 15.80
N GLN A 47 -5.96 17.03 14.80
CA GLN A 47 -6.22 16.10 13.70
C GLN A 47 -4.97 15.88 12.84
N ALA A 48 -4.23 16.94 12.56
CA ALA A 48 -2.99 16.78 11.79
C ALA A 48 -1.97 15.95 12.56
N GLU A 49 -1.91 16.12 13.88
CA GLU A 49 -0.99 15.32 14.69
C GLU A 49 -1.35 13.84 14.63
N LYS A 50 -2.64 13.52 14.56
CA LYS A 50 -3.03 12.12 14.45
C LYS A 50 -2.58 11.56 13.11
N ASN A 51 -2.81 12.32 12.04
CA ASN A 51 -2.44 11.86 10.71
C ASN A 51 -0.93 11.79 10.53
N ASN A 52 -0.19 12.69 11.20
CA ASN A 52 1.25 12.78 11.00
C ASN A 52 2.05 11.95 12.00
N LYS A 53 1.53 11.72 13.20
CA LYS A 53 2.33 11.05 14.23
C LYS A 53 1.62 9.86 14.88
N GLY A 54 0.29 9.87 14.90
CA GLY A 54 -0.44 8.76 15.46
C GLY A 54 -1.35 9.15 16.61
N PRO A 55 -2.13 8.18 17.11
CA PRO A 55 -3.07 8.49 18.20
C PRO A 55 -2.41 8.98 19.48
N MET A 56 -1.30 8.36 19.88
CA MET A 56 -0.73 8.68 21.19
C MET A 56 -0.24 10.13 21.22
N GLU A 57 0.46 10.56 20.18
CA GLU A 57 0.91 11.96 20.12
C GLU A 57 -0.28 12.92 20.01
N ALA A 58 -1.35 12.51 19.33
CA ALA A 58 -2.56 13.33 19.28
C ALA A 58 -3.20 13.45 20.65
N ALA A 59 -3.29 12.34 21.40
CA ALA A 59 -3.86 12.41 22.74
C ALA A 59 -3.01 13.27 23.66
N SER A 60 -1.68 13.14 23.57
CA SER A 60 -0.81 13.97 24.39
C SER A 60 -1.01 15.44 24.08
N LEU A 61 -1.13 15.78 22.79
CA LEU A 61 -1.38 17.16 22.40
C LEU A 61 -2.76 17.62 22.87
N PHE A 62 -3.76 16.75 22.76
CA PHE A 62 -5.10 17.09 23.21
C PHE A 62 -5.11 17.43 24.69
N LEU A 63 -4.35 16.69 25.50
CA LEU A 63 -4.33 16.96 26.94
C LEU A 63 -3.69 18.32 27.24
N GLN A 64 -2.66 18.69 26.49
CA GLN A 64 -2.04 20.01 26.69
C GLN A 64 -3.08 21.12 26.52
N TYR A 65 -3.90 21.03 25.48
CA TYR A 65 -5.00 21.98 25.33
C TYR A 65 -6.01 21.85 26.46
N LEU A 66 -6.39 20.61 26.80
CA LEU A 66 -7.38 20.39 27.83
C LEU A 66 -6.97 21.01 29.16
N LEU A 67 -5.67 20.96 29.49
CA LEU A 67 -5.19 21.45 30.77
C LEU A 67 -5.09 22.97 30.83
N LYS A 68 -5.32 23.67 29.72
CA LYS A 68 -5.29 25.12 29.71
C LYS A 68 -6.67 25.73 29.58
N LEU A 69 -7.71 24.92 29.44
CA LEU A 69 -9.06 25.43 29.36
C LEU A 69 -9.47 26.11 30.65
N GLN A 70 -10.36 27.09 30.55
CA GLN A 70 -10.88 27.79 31.71
C GLN A 70 -12.39 27.99 31.70
N SER A 71 -13.06 27.83 30.56
CA SER A 71 -14.49 28.05 30.48
C SER A 71 -15.24 27.15 31.46
N GLU A 72 -16.41 27.61 31.88
CA GLU A 72 -17.20 26.88 32.87
C GLU A 72 -17.72 25.57 32.27
N GLY A 73 -17.43 24.46 32.94
CA GLY A 73 -17.95 23.17 32.55
C GLY A 73 -17.11 22.42 31.55
N TRP A 74 -15.86 22.83 31.32
CA TRP A 74 -15.02 22.15 30.34
C TRP A 74 -14.77 20.70 30.74
N PHE A 75 -14.62 20.44 32.04
CA PHE A 75 -14.32 19.08 32.48
C PHE A 75 -15.51 18.16 32.28
N GLN A 76 -16.70 18.59 32.68
CA GLN A 76 -17.88 17.76 32.47
C GLN A 76 -18.12 17.53 30.98
N ALA A 77 -17.83 18.54 30.16
CA ALA A 77 -17.93 18.36 28.71
C ALA A 77 -16.97 17.28 28.23
N PHE A 78 -15.76 17.25 28.80
CA PHE A 78 -14.80 16.21 28.45
C PHE A 78 -15.32 14.83 28.85
N LEU A 79 -15.90 14.72 30.06
CA LEU A 79 -16.49 13.45 30.47
C LEU A 79 -17.64 13.05 29.56
N ASP A 80 -18.53 14.00 29.24
CA ASP A 80 -19.66 13.69 28.38
C ASP A 80 -19.18 13.24 27.00
N ALA A 81 -18.17 13.92 26.45
CA ALA A 81 -17.65 13.51 25.15
C ALA A 81 -17.09 12.09 25.21
N LEU A 82 -16.28 11.79 26.22
CA LEU A 82 -15.72 10.44 26.37
C LEU A 82 -16.81 9.38 26.43
N TYR A 83 -17.81 9.59 27.27
CA TYR A 83 -18.83 8.55 27.48
C TYR A 83 -19.59 8.25 26.20
N HIS A 84 -20.17 9.28 25.60
CA HIS A 84 -21.04 9.08 24.45
C HIS A 84 -20.26 8.66 23.20
N ALA A 85 -18.96 8.92 23.14
CA ALA A 85 -18.14 8.36 22.07
C ALA A 85 -17.95 6.86 22.24
N GLY A 86 -17.99 6.38 23.48
CA GLY A 86 -17.82 4.95 23.77
C GLY A 86 -16.80 4.66 24.84
N TYR A 87 -16.10 5.70 25.31
CA TYR A 87 -15.08 5.54 26.34
C TYR A 87 -15.71 5.52 27.74
N CYS A 88 -16.61 4.55 27.95
CA CYS A 88 -17.27 4.46 29.25
C CYS A 88 -16.27 4.12 30.36
N GLY A 89 -15.39 3.14 30.11
CA GLY A 89 -14.41 2.76 31.11
C GLY A 89 -13.45 3.89 31.45
N LEU A 90 -12.92 4.56 30.42
CA LEU A 90 -12.01 5.66 30.67
C LEU A 90 -12.74 6.80 31.38
N CYS A 91 -14.00 7.02 31.00
CA CYS A 91 -14.82 8.02 31.69
C CYS A 91 -15.03 7.63 33.14
N GLU A 92 -15.31 6.36 33.40
CA GLU A 92 -15.48 5.89 34.77
C GLU A 92 -14.18 6.06 35.56
N ALA A 93 -13.04 5.82 34.91
CA ALA A 93 -11.76 5.97 35.59
C ALA A 93 -11.42 7.42 35.89
N ILE A 94 -11.63 8.32 34.92
CA ILE A 94 -11.30 9.72 35.13
C ILE A 94 -12.26 10.35 36.13
N GLU A 95 -13.56 10.04 36.01
CA GLU A 95 -14.56 10.64 36.87
C GLU A 95 -14.35 10.30 38.34
N SER A 96 -13.87 9.08 38.61
CA SER A 96 -13.69 8.61 39.98
C SER A 96 -12.23 8.50 40.38
N TRP A 97 -11.30 8.89 39.50
CA TRP A 97 -9.87 8.86 39.80
C TRP A 97 -9.44 7.48 40.32
N ASP A 98 -9.92 6.45 39.63
CA ASP A 98 -9.56 5.07 39.95
C ASP A 98 -9.29 4.35 38.64
N PHE A 99 -8.01 4.09 38.35
CA PHE A 99 -7.60 3.40 37.14
C PHE A 99 -7.25 1.94 37.40
N GLN A 100 -7.81 1.34 38.44
CA GLN A 100 -7.49 -0.05 38.76
C GLN A 100 -7.86 -0.98 37.61
N LYS A 101 -9.06 -0.80 37.05
CA LYS A 101 -9.49 -1.66 35.95
C LYS A 101 -8.61 -1.52 34.73
N ILE A 102 -8.05 -0.33 34.50
CA ILE A 102 -7.18 -0.12 33.35
C ILE A 102 -5.78 -0.66 33.61
N GLU A 103 -5.28 -0.51 34.84
CA GLU A 103 -4.00 -1.13 35.19
C GLU A 103 -4.06 -2.65 35.06
N LYS A 104 -5.15 -3.26 35.52
CA LYS A 104 -5.29 -4.70 35.44
C LYS A 104 -5.22 -5.21 34.01
N LEU A 105 -5.53 -4.35 33.04
CA LEU A 105 -5.44 -4.74 31.63
C LEU A 105 -4.00 -4.73 31.11
N GLU A 106 -3.07 -4.09 31.82
CA GLU A 106 -1.71 -3.99 31.30
C GLU A 106 -1.13 -5.36 30.99
N GLU A 107 -1.46 -6.37 31.80
CA GLU A 107 -0.91 -7.70 31.55
C GLU A 107 -1.34 -8.22 30.18
N HIS A 108 -2.59 -8.00 29.80
CA HIS A 108 -3.07 -8.53 28.55
C HIS A 108 -2.77 -7.61 27.37
N ARG A 109 -2.56 -6.32 27.63
CA ARG A 109 -2.03 -5.46 26.57
C ARG A 109 -0.65 -5.92 26.15
N LEU A 110 0.19 -6.29 27.12
CA LEU A 110 1.54 -6.76 26.82
C LEU A 110 1.51 -8.13 26.14
N LEU A 111 0.62 -9.02 26.57
CA LEU A 111 0.58 -10.36 26.00
C LEU A 111 0.16 -10.33 24.54
N LEU A 112 -0.91 -9.58 24.23
CA LEU A 112 -1.37 -9.52 22.85
C LEU A 112 -0.34 -8.85 21.94
N ARG A 113 0.26 -7.75 22.41
CA ARG A 113 1.32 -7.11 21.65
C ARG A 113 2.45 -8.08 21.35
N ARG A 114 2.86 -8.86 22.34
CA ARG A 114 3.91 -9.85 22.10
C ARG A 114 3.46 -10.89 21.09
N LEU A 115 2.18 -11.25 21.12
CA LEU A 115 1.61 -12.28 20.26
C LEU A 115 1.06 -11.71 18.96
N GLU A 116 1.34 -10.44 18.67
CA GLU A 116 0.79 -9.82 17.46
C GLU A 116 1.16 -10.59 16.21
N PRO A 117 2.38 -11.12 16.05
CA PRO A 117 2.67 -11.95 14.87
C PRO A 117 1.77 -13.16 14.74
N GLU A 118 1.53 -13.88 15.84
CA GLU A 118 0.64 -15.04 15.78
C GLU A 118 -0.81 -14.64 15.56
N PHE A 119 -1.22 -13.48 16.09
CA PHE A 119 -2.57 -12.99 15.86
C PHE A 119 -2.81 -12.73 14.38
N LYS A 120 -1.90 -12.01 13.72
CA LYS A 120 -2.07 -11.69 12.31
C LYS A 120 -2.08 -12.93 11.44
N ALA A 121 -1.41 -14.00 11.87
CA ALA A 121 -1.26 -15.18 11.04
C ALA A 121 -2.47 -16.11 11.12
N THR A 122 -3.26 -16.05 12.19
CA THR A 122 -4.31 -17.04 12.41
C THR A 122 -5.70 -16.44 12.64
N VAL A 123 -5.84 -15.13 12.77
CA VAL A 123 -7.13 -14.51 13.06
C VAL A 123 -7.56 -13.70 11.85
N ASP A 124 -8.84 -13.83 11.49
CA ASP A 124 -9.43 -13.03 10.43
C ASP A 124 -10.51 -12.13 11.03
N PRO A 125 -10.36 -10.81 10.93
CA PRO A 125 -11.36 -9.92 11.55
C PRO A 125 -12.78 -10.20 11.11
N ASN A 126 -13.00 -10.71 9.90
CA ASN A 126 -14.35 -11.01 9.45
C ASN A 126 -15.03 -12.04 10.35
N ASP A 127 -14.27 -12.80 11.12
CA ASP A 127 -14.87 -13.87 11.92
C ASP A 127 -15.20 -13.46 13.34
N ILE A 128 -14.50 -12.47 13.90
CA ILE A 128 -14.67 -12.17 15.32
C ILE A 128 -14.99 -10.71 15.55
N LEU A 129 -14.93 -9.90 14.49
CA LEU A 129 -15.17 -8.46 14.68
C LEU A 129 -16.54 -8.22 15.26
N SER A 130 -17.55 -8.97 14.79
CA SER A 130 -18.90 -8.81 15.32
C SER A 130 -18.96 -9.21 16.79
N GLU A 131 -18.30 -10.31 17.16
CA GLU A 131 -18.28 -10.74 18.55
C GLU A 131 -17.54 -9.74 19.43
N LEU A 132 -16.57 -9.00 18.87
CA LEU A 132 -15.71 -8.12 19.65
C LEU A 132 -16.09 -6.64 19.57
N SER A 133 -17.14 -6.28 18.81
CA SER A 133 -17.41 -4.86 18.61
C SER A 133 -17.75 -4.14 19.90
N GLU A 134 -18.18 -4.88 20.93
CA GLU A 134 -18.51 -4.27 22.21
C GLU A 134 -17.29 -3.68 22.91
N CYS A 135 -16.10 -4.18 22.61
CA CYS A 135 -14.87 -3.73 23.25
C CYS A 135 -14.20 -2.58 22.53
N LEU A 136 -14.68 -2.20 21.36
CA LEU A 136 -14.01 -1.23 20.51
C LEU A 136 -14.93 -0.03 20.26
N ILE A 137 -14.32 1.08 19.85
CA ILE A 137 -15.10 2.23 19.40
C ILE A 137 -15.77 1.87 18.07
N ASN A 138 -16.99 2.39 17.87
CA ASN A 138 -17.71 2.04 16.64
C ASN A 138 -16.92 2.44 15.40
N GLN A 139 -16.27 3.60 15.43
CA GLN A 139 -15.48 4.03 14.28
C GLN A 139 -14.26 3.13 14.06
N GLU A 140 -13.72 2.56 15.14
CA GLU A 140 -12.61 1.63 14.99
C GLU A 140 -13.03 0.38 14.24
N CYS A 141 -14.25 -0.11 14.50
CA CYS A 141 -14.76 -1.25 13.73
C CYS A 141 -14.87 -0.92 12.25
N GLU A 142 -15.28 0.31 11.92
CA GLU A 142 -15.38 0.67 10.51
C GLU A 142 -14.01 0.74 9.86
N GLU A 143 -13.01 1.22 10.59
CA GLU A 143 -11.66 1.29 10.01
C GLU A 143 -11.05 -0.10 9.88
N ILE A 144 -11.38 -1.01 10.80
CA ILE A 144 -10.90 -2.38 10.67
C ILE A 144 -11.46 -3.03 9.42
N ARG A 145 -12.74 -2.80 9.13
CA ARG A 145 -13.34 -3.43 7.95
C ARG A 145 -12.81 -2.80 6.66
N GLN A 146 -12.61 -1.48 6.65
CA GLN A 146 -12.05 -0.84 5.46
C GLN A 146 -10.66 -1.38 5.16
N ILE A 147 -9.81 -1.48 6.19
CA ILE A 147 -8.48 -2.05 5.98
C ILE A 147 -8.59 -3.51 5.58
N ARG A 148 -9.47 -4.26 6.25
CA ARG A 148 -9.67 -5.65 5.88
C ARG A 148 -10.08 -5.81 4.42
N ASP A 149 -10.93 -4.89 3.92
CA ASP A 149 -11.47 -5.00 2.58
C ASP A 149 -10.56 -4.43 1.50
N THR A 150 -9.65 -3.53 1.85
CA THR A 150 -8.75 -2.94 0.86
C THR A 150 -7.35 -3.52 0.91
N LYS A 151 -6.88 -3.95 2.08
CA LYS A 151 -5.51 -4.43 2.23
C LYS A 151 -5.39 -5.89 2.63
N GLY A 152 -6.44 -6.51 3.13
CA GLY A 152 -6.41 -7.94 3.38
C GLY A 152 -6.56 -8.29 4.85
N ARG A 153 -6.39 -9.58 5.14
CA ARG A 153 -6.66 -10.10 6.47
C ARG A 153 -5.58 -9.69 7.47
N MET A 154 -4.31 -9.89 7.13
CA MET A 154 -3.23 -9.56 8.07
C MET A 154 -3.25 -8.07 8.42
N ALA A 155 -3.49 -7.22 7.42
CA ALA A 155 -3.57 -5.79 7.71
C ALA A 155 -4.72 -5.49 8.66
N GLY A 156 -5.88 -6.11 8.43
CA GLY A 156 -7.01 -5.92 9.34
C GLY A 156 -6.78 -6.56 10.69
N ALA A 157 -6.16 -7.74 10.73
CA ALA A 157 -5.90 -8.40 12.00
C ALA A 157 -4.98 -7.55 12.89
N GLU A 158 -3.98 -6.91 12.28
CA GLU A 158 -3.09 -6.06 13.07
C GLU A 158 -3.81 -4.82 13.57
N LYS A 159 -4.65 -4.22 12.74
CA LYS A 159 -5.45 -3.08 13.19
C LYS A 159 -6.38 -3.49 14.32
N MET A 160 -6.97 -4.67 14.22
CA MET A 160 -7.88 -5.15 15.26
C MET A 160 -7.15 -5.29 16.59
N ALA A 161 -5.98 -5.93 16.57
CA ALA A 161 -5.20 -6.10 17.80
C ALA A 161 -4.83 -4.75 18.40
N GLU A 162 -4.47 -3.78 17.56
CA GLU A 162 -4.09 -2.46 18.06
C GLU A 162 -5.25 -1.77 18.75
N CYS A 163 -6.48 -2.01 18.27
CA CYS A 163 -7.65 -1.40 18.91
C CYS A 163 -8.00 -2.13 20.19
N LEU A 164 -7.87 -3.45 20.22
CA LEU A 164 -8.08 -4.18 21.46
C LEU A 164 -7.09 -3.73 22.52
N ILE A 165 -5.82 -3.54 22.14
CA ILE A 165 -4.81 -3.13 23.11
C ILE A 165 -5.18 -1.81 23.76
N ARG A 166 -5.83 -0.90 23.02
CA ARG A 166 -6.21 0.39 23.57
C ARG A 166 -7.64 0.41 24.10
N SER A 167 -8.29 -0.75 24.23
CA SER A 167 -9.66 -0.79 24.72
C SER A 167 -9.69 -0.51 26.21
N ASP A 168 -10.71 0.23 26.65
CA ASP A 168 -10.90 0.53 28.06
C ASP A 168 -11.96 -0.37 28.69
N LYS A 169 -12.43 -1.38 27.98
CA LYS A 169 -13.38 -2.33 28.54
C LYS A 169 -12.63 -3.31 29.44
N GLU A 170 -13.04 -3.38 30.70
CA GLU A 170 -12.30 -4.14 31.70
C GLU A 170 -12.17 -5.62 31.32
N ASN A 171 -13.04 -6.13 30.45
CA ASN A 171 -13.10 -7.56 30.17
C ASN A 171 -12.88 -7.89 28.70
N TRP A 172 -12.16 -7.03 27.96
CA TRP A 172 -11.90 -7.36 26.56
C TRP A 172 -11.03 -8.61 26.42
N PRO A 173 -10.12 -8.93 27.33
CA PRO A 173 -9.40 -10.21 27.21
C PRO A 173 -10.32 -11.41 27.22
N LYS A 174 -11.35 -11.41 28.06
CA LYS A 174 -12.26 -12.56 28.11
C LYS A 174 -13.18 -12.60 26.89
N VAL A 175 -13.67 -11.44 26.44
CA VAL A 175 -14.49 -11.41 25.25
C VAL A 175 -13.72 -11.93 24.05
N LEU A 176 -12.43 -11.59 23.97
CA LEU A 176 -11.59 -12.09 22.88
C LEU A 176 -11.47 -13.61 22.95
N GLN A 177 -11.20 -14.15 24.14
CA GLN A 177 -11.09 -15.60 24.28
C GLN A 177 -12.37 -16.30 23.85
N LEU A 178 -13.53 -15.78 24.26
CA LEU A 178 -14.80 -16.40 23.89
C LEU A 178 -15.02 -16.36 22.39
N ALA A 179 -14.72 -15.23 21.76
CA ALA A 179 -14.88 -15.12 20.31
C ALA A 179 -13.94 -16.07 19.58
N LEU A 180 -12.69 -16.17 20.04
CA LEU A 180 -11.75 -17.06 19.37
C LEU A 180 -12.20 -18.51 19.46
N GLU A 181 -12.81 -18.89 20.58
CA GLU A 181 -13.29 -20.27 20.72
C GLU A 181 -14.50 -20.51 19.82
N LYS A 182 -15.39 -19.52 19.71
CA LYS A 182 -16.56 -19.70 18.86
C LYS A 182 -16.16 -19.94 17.41
N ASP A 183 -15.08 -19.30 16.98
CA ASP A 183 -14.56 -19.48 15.62
C ASP A 183 -13.59 -20.66 15.55
N ASN A 184 -13.24 -21.26 16.69
CA ASN A 184 -12.28 -22.34 16.70
C ASN A 184 -11.02 -21.89 15.97
N SER A 185 -10.21 -21.07 16.64
CA SER A 185 -9.07 -20.43 16.00
C SER A 185 -7.76 -20.93 16.60
N LYS A 186 -6.74 -21.00 15.74
CA LYS A 186 -5.43 -21.45 16.16
C LYS A 186 -4.86 -20.58 17.26
N PHE A 187 -5.32 -19.33 17.36
CA PHE A 187 -4.83 -18.41 18.37
C PHE A 187 -5.40 -18.68 19.75
N SER A 188 -6.56 -19.36 19.83
CA SER A 188 -7.18 -19.61 21.12
C SER A 188 -6.24 -20.37 22.05
N GLU A 189 -5.42 -21.26 21.51
CA GLU A 189 -4.48 -22.01 22.32
C GLU A 189 -3.49 -21.09 23.03
N LEU A 190 -3.30 -19.87 22.55
CA LEU A 190 -2.37 -18.93 23.16
C LEU A 190 -3.05 -17.89 24.02
N TRP A 191 -4.37 -17.77 23.98
CA TRP A 191 -5.10 -16.73 24.70
C TRP A 191 -6.09 -17.38 25.66
N ILE A 192 -5.80 -17.32 26.95
CA ILE A 192 -6.72 -17.79 27.99
C ILE A 192 -6.79 -16.74 29.09
N VAL A 193 -7.99 -16.56 29.65
CA VAL A 193 -8.19 -15.58 30.71
C VAL A 193 -7.85 -14.19 30.19
N SER B 2 41.07 17.44 -2.40
CA SER B 2 40.34 18.19 -1.37
C SER B 2 41.26 19.16 -0.63
N SER B 3 42.28 19.66 -1.33
CA SER B 3 43.17 20.65 -0.74
C SER B 3 42.43 21.98 -0.52
N ALA B 4 43.16 23.08 -0.48
CA ALA B 4 42.53 24.38 -0.30
C ALA B 4 42.11 25.01 -1.62
N ARG B 5 42.85 24.78 -2.70
CA ARG B 5 42.45 25.26 -4.01
C ARG B 5 41.35 24.41 -4.62
N GLN B 6 41.17 23.18 -4.16
CA GLN B 6 40.15 22.30 -4.70
C GLN B 6 38.81 22.49 -4.01
N THR B 7 38.81 22.74 -2.70
CA THR B 7 37.58 23.10 -2.02
C THR B 7 37.01 24.41 -2.57
N ALA B 8 37.88 25.41 -2.76
CA ALA B 8 37.41 26.69 -3.29
C ALA B 8 36.73 26.50 -4.64
N GLU B 9 37.30 25.65 -5.50
CA GLU B 9 36.67 25.38 -6.79
C GLU B 9 35.37 24.61 -6.59
N GLN B 10 35.35 23.67 -5.64
CA GLN B 10 34.14 22.93 -5.34
C GLN B 10 33.08 23.84 -4.72
N ARG B 11 33.50 24.75 -3.83
CA ARG B 11 32.56 25.71 -3.27
C ARG B 11 32.07 26.70 -4.32
N GLN B 12 32.98 27.15 -5.19
CA GLN B 12 32.59 28.10 -6.23
C GLN B 12 31.58 27.49 -7.19
N ASN B 13 31.74 26.20 -7.49
CA ASN B 13 30.82 25.52 -8.40
C ASN B 13 29.45 25.36 -7.78
N LEU B 14 29.40 25.01 -6.49
CA LEU B 14 28.11 24.82 -5.82
C LEU B 14 27.31 26.12 -5.78
N GLN B 15 27.94 27.22 -5.35
CA GLN B 15 27.24 28.51 -5.32
C GLN B 15 26.86 28.97 -6.72
N ALA B 16 27.69 28.66 -7.73
CA ALA B 16 27.36 29.08 -9.08
C ALA B 16 26.04 28.49 -9.53
N PHE B 17 25.76 27.25 -9.15
CA PHE B 17 24.54 26.55 -9.55
C PHE B 17 23.54 26.43 -8.39
N ARG B 18 23.68 27.27 -7.37
CA ARG B 18 22.84 27.13 -6.18
C ARG B 18 21.36 27.10 -6.53
N ASP B 19 20.94 27.96 -7.48
CA ASP B 19 19.53 28.01 -7.83
C ASP B 19 19.10 26.75 -8.57
N TYR B 20 19.99 26.14 -9.34
CA TYR B 20 19.67 24.87 -9.98
C TYR B 20 19.56 23.75 -8.95
N ILE B 21 20.44 23.75 -7.95
CA ILE B 21 20.45 22.69 -6.95
C ILE B 21 19.19 22.75 -6.09
N LYS B 22 18.90 23.92 -5.52
CA LYS B 22 17.77 24.01 -4.59
C LYS B 22 16.43 23.82 -5.27
N LYS B 23 16.37 23.91 -6.60
CA LYS B 23 15.14 23.66 -7.33
C LYS B 23 14.97 22.20 -7.74
N ILE B 24 16.00 21.38 -7.54
CA ILE B 24 15.97 19.97 -7.91
C ILE B 24 16.13 19.06 -6.69
N LEU B 25 17.04 19.40 -5.80
CA LEU B 25 17.49 18.50 -4.75
C LEU B 25 16.58 18.57 -3.53
N ASP B 26 16.06 17.42 -3.13
CA ASP B 26 15.45 17.25 -1.80
C ASP B 26 16.47 16.54 -0.91
N PRO B 27 17.16 17.24 -0.02
CA PRO B 27 18.25 16.59 0.75
C PRO B 27 17.77 15.41 1.58
N THR B 28 16.47 15.33 1.88
CA THR B 28 15.93 14.19 2.61
C THR B 28 16.22 12.87 1.90
N TYR B 29 16.45 12.90 0.60
CA TYR B 29 16.66 11.68 -0.18
C TYR B 29 18.11 11.22 -0.18
N ILE B 30 19.05 12.05 0.27
CA ILE B 30 20.44 11.67 0.42
C ILE B 30 20.77 11.81 1.91
N LEU B 31 19.92 11.23 2.76
CA LEU B 31 20.11 11.36 4.19
C LEU B 31 21.24 10.49 4.71
N SER B 32 21.56 9.39 4.03
CA SER B 32 22.70 8.58 4.46
C SER B 32 23.99 9.34 4.24
N TYR B 33 24.07 10.15 3.17
CA TYR B 33 25.22 11.03 3.00
C TYR B 33 25.26 12.09 4.09
N MET B 34 24.11 12.71 4.38
CA MET B 34 24.08 13.81 5.33
C MET B 34 24.54 13.38 6.71
N SER B 35 24.14 12.18 7.14
CA SER B 35 24.42 11.78 8.51
C SER B 35 25.87 11.35 8.71
N SER B 36 26.52 10.80 7.68
CA SER B 36 27.92 10.43 7.84
C SER B 36 28.88 11.59 7.62
N TRP B 37 28.45 12.67 6.94
CA TRP B 37 29.31 13.83 6.71
C TRP B 37 28.94 15.06 7.51
N LEU B 38 27.77 15.09 8.15
CA LEU B 38 27.32 16.25 8.90
C LEU B 38 27.08 15.89 10.36
N GLU B 39 27.17 16.89 11.22
CA GLU B 39 26.84 16.67 12.62
C GLU B 39 25.38 16.21 12.74
N ASP B 40 25.13 15.35 13.72
CA ASP B 40 23.77 14.85 13.93
C ASP B 40 22.79 15.99 14.18
N GLU B 41 23.20 17.00 14.93
CA GLU B 41 22.32 18.13 15.20
C GLU B 41 21.99 18.88 13.91
N GLU B 42 22.98 19.09 13.04
CA GLU B 42 22.74 19.80 11.80
C GLU B 42 21.80 19.01 10.89
N VAL B 43 21.93 17.68 10.89
CA VAL B 43 21.03 16.85 10.10
C VAL B 43 19.59 17.04 10.56
N GLN B 44 19.36 17.06 11.88
CA GLN B 44 17.99 17.17 12.35
C GLN B 44 17.41 18.55 12.06
N TYR B 45 18.24 19.59 12.06
CA TYR B 45 17.75 20.91 11.65
C TYR B 45 17.33 20.88 10.19
N ILE B 46 18.11 20.20 9.35
CA ILE B 46 17.75 20.07 7.93
C ILE B 46 16.46 19.29 7.79
N GLN B 47 16.27 18.25 8.61
CA GLN B 47 15.03 17.49 8.55
C GLN B 47 13.84 18.32 9.02
N ALA B 48 14.04 19.11 10.09
CA ALA B 48 12.98 19.98 10.56
C ALA B 48 12.63 21.02 9.49
N GLU B 49 13.64 21.50 8.76
CA GLU B 49 13.39 22.47 7.69
C GLU B 49 12.53 21.88 6.58
N LYS B 50 12.74 20.62 6.24
CA LYS B 50 11.95 20.00 5.19
C LYS B 50 10.49 19.85 5.62
N ASN B 51 10.27 19.35 6.83
CA ASN B 51 8.91 19.11 7.31
C ASN B 51 8.16 20.40 7.57
N ASN B 52 8.86 21.45 7.98
CA ASN B 52 8.22 22.70 8.38
C ASN B 52 8.15 23.73 7.26
N LYS B 53 9.05 23.68 6.28
CA LYS B 53 9.11 24.73 5.27
C LYS B 53 9.05 24.18 3.85
N GLY B 54 9.50 22.94 3.66
CA GLY B 54 9.46 22.32 2.35
C GLY B 54 10.84 21.94 1.85
N PRO B 55 10.89 21.26 0.71
CA PRO B 55 12.19 20.80 0.20
C PRO B 55 13.16 21.93 -0.13
N MET B 56 12.66 23.01 -0.75
CA MET B 56 13.56 24.04 -1.27
C MET B 56 14.29 24.74 -0.12
N GLU B 57 13.58 25.11 0.94
CA GLU B 57 14.24 25.70 2.09
C GLU B 57 15.21 24.72 2.75
N ALA B 58 14.86 23.43 2.73
CA ALA B 58 15.77 22.41 3.25
C ALA B 58 17.02 22.31 2.39
N ALA B 59 16.86 22.40 1.07
CA ALA B 59 18.02 22.38 0.19
C ALA B 59 18.90 23.60 0.41
N SER B 60 18.28 24.77 0.59
CA SER B 60 19.05 25.99 0.86
C SER B 60 19.85 25.86 2.14
N LEU B 61 19.23 25.32 3.20
CA LEU B 61 19.96 25.13 4.46
C LEU B 61 21.05 24.07 4.31
N PHE B 62 20.75 22.98 3.60
CA PHE B 62 21.76 21.94 3.39
C PHE B 62 22.98 22.50 2.68
N LEU B 63 22.78 23.39 1.71
CA LEU B 63 23.92 23.95 1.00
C LEU B 63 24.78 24.82 1.91
N GLN B 64 24.15 25.54 2.84
CA GLN B 64 24.92 26.34 3.78
C GLN B 64 25.90 25.49 4.57
N TYR B 65 25.43 24.35 5.08
CA TYR B 65 26.32 23.43 5.78
C TYR B 65 27.38 22.86 4.85
N LEU B 66 26.95 22.40 3.67
CA LEU B 66 27.89 21.78 2.74
C LEU B 66 29.03 22.71 2.38
N LEU B 67 28.76 24.01 2.24
CA LEU B 67 29.76 24.98 1.84
C LEU B 67 30.72 25.33 2.97
N LYS B 68 30.49 24.82 4.17
CA LYS B 68 31.36 25.03 5.31
C LYS B 68 32.18 23.80 5.67
N LEU B 69 31.95 22.67 5.00
CA LEU B 69 32.70 21.45 5.25
C LEU B 69 34.16 21.57 4.86
N GLN B 70 34.98 20.77 5.52
CA GLN B 70 36.41 20.67 5.23
C GLN B 70 36.92 19.24 5.15
N SER B 71 36.16 18.26 5.64
CA SER B 71 36.60 16.87 5.65
C SER B 71 37.01 16.40 4.26
N GLU B 72 37.89 15.39 4.25
CA GLU B 72 38.42 14.87 3.00
C GLU B 72 37.34 14.16 2.20
N GLY B 73 37.13 14.58 0.96
CA GLY B 73 36.26 13.88 0.05
C GLY B 73 34.78 14.22 0.11
N TRP B 74 34.42 15.32 0.78
CA TRP B 74 33.00 15.65 0.91
C TRP B 74 32.35 15.91 -0.44
N PHE B 75 33.09 16.49 -1.39
CA PHE B 75 32.48 16.82 -2.68
C PHE B 75 32.20 15.56 -3.50
N GLN B 76 33.21 14.72 -3.71
CA GLN B 76 33.00 13.51 -4.50
C GLN B 76 31.99 12.58 -3.83
N ALA B 77 31.98 12.55 -2.50
CA ALA B 77 30.96 11.79 -1.79
C ALA B 77 29.57 12.34 -2.09
N PHE B 78 29.46 13.67 -2.19
CA PHE B 78 28.18 14.29 -2.52
C PHE B 78 27.73 13.87 -3.91
N LEU B 79 28.64 13.90 -4.89
CA LEU B 79 28.30 13.44 -6.22
C LEU B 79 27.88 11.97 -6.19
N ASP B 80 28.61 11.14 -5.45
CA ASP B 80 28.26 9.73 -5.35
C ASP B 80 26.87 9.56 -4.75
N ALA B 81 26.55 10.35 -3.72
CA ALA B 81 25.24 10.29 -3.11
C ALA B 81 24.15 10.67 -4.11
N LEU B 82 24.34 11.77 -4.84
CA LEU B 82 23.36 12.18 -5.83
C LEU B 82 23.09 11.07 -6.84
N TYR B 83 24.14 10.43 -7.35
CA TYR B 83 23.96 9.41 -8.37
C TYR B 83 23.13 8.26 -7.82
N HIS B 84 23.52 7.73 -6.66
CA HIS B 84 22.82 6.58 -6.11
C HIS B 84 21.40 6.92 -5.64
N ALA B 85 21.14 8.18 -5.31
CA ALA B 85 19.78 8.59 -5.00
C ALA B 85 18.90 8.64 -6.24
N GLY B 86 19.50 8.92 -7.40
CA GLY B 86 18.76 8.98 -8.64
C GLY B 86 18.98 10.27 -9.38
N TYR B 87 19.72 11.19 -8.75
CA TYR B 87 19.99 12.50 -9.35
C TYR B 87 21.13 12.42 -10.36
N CYS B 88 20.92 11.57 -11.37
CA CYS B 88 21.93 11.40 -12.41
C CYS B 88 22.13 12.68 -13.19
N GLY B 89 21.03 13.35 -13.57
CA GLY B 89 21.16 14.58 -14.33
C GLY B 89 21.84 15.68 -13.55
N LEU B 90 21.43 15.88 -12.29
CA LEU B 90 22.05 16.90 -11.47
C LEU B 90 23.50 16.57 -11.16
N CYS B 91 23.80 15.30 -10.92
CA CYS B 91 25.18 14.88 -10.67
C CYS B 91 26.03 15.07 -11.93
N GLU B 92 25.51 14.67 -13.09
CA GLU B 92 26.24 14.84 -14.34
C GLU B 92 26.50 16.31 -14.62
N ALA B 93 25.56 17.18 -14.27
CA ALA B 93 25.74 18.61 -14.50
C ALA B 93 26.83 19.19 -13.62
N ILE B 94 26.88 18.77 -12.35
CA ILE B 94 27.85 19.34 -11.43
C ILE B 94 29.28 18.92 -11.81
N GLU B 95 29.45 17.66 -12.18
CA GLU B 95 30.80 17.17 -12.51
C GLU B 95 31.39 17.88 -13.71
N SER B 96 30.56 18.24 -14.69
CA SER B 96 31.04 18.86 -15.92
C SER B 96 30.68 20.33 -16.04
N TRP B 97 30.18 20.94 -14.97
CA TRP B 97 29.86 22.37 -14.97
C TRP B 97 28.94 22.74 -16.12
N ASP B 98 28.16 21.78 -16.62
CA ASP B 98 27.30 21.98 -17.78
C ASP B 98 25.87 21.63 -17.40
N PHE B 99 25.05 22.67 -17.21
CA PHE B 99 23.64 22.52 -16.89
C PHE B 99 22.75 22.77 -18.12
N GLN B 100 23.28 22.59 -19.32
CA GLN B 100 22.52 22.85 -20.53
C GLN B 100 21.26 21.99 -20.58
N LYS B 101 21.40 20.69 -20.32
CA LYS B 101 20.24 19.81 -20.35
C LYS B 101 19.20 20.22 -19.32
N ILE B 102 19.64 20.73 -18.17
CA ILE B 102 18.73 21.19 -17.14
C ILE B 102 18.18 22.58 -17.44
N GLU B 103 18.89 23.35 -18.27
CA GLU B 103 18.39 24.66 -18.65
C GLU B 103 17.32 24.56 -19.74
N LYS B 104 17.45 23.60 -20.64
CA LYS B 104 16.42 23.40 -21.66
C LYS B 104 15.07 23.01 -21.06
N LEU B 105 15.07 22.45 -19.84
CA LEU B 105 13.82 22.05 -19.20
C LEU B 105 13.06 23.22 -18.59
N GLU B 106 13.72 24.35 -18.37
CA GLU B 106 13.05 25.48 -17.74
C GLU B 106 11.79 25.87 -18.49
N GLU B 107 11.83 25.77 -19.83
CA GLU B 107 10.69 26.13 -20.64
C GLU B 107 9.46 25.31 -20.27
N HIS B 108 9.65 24.02 -20.02
CA HIS B 108 8.55 23.14 -19.64
C HIS B 108 8.26 23.14 -18.15
N ARG B 109 9.23 23.54 -17.31
CA ARG B 109 8.92 23.73 -15.90
C ARG B 109 7.93 24.87 -15.71
N LEU B 110 8.11 25.98 -16.41
CA LEU B 110 7.17 27.10 -16.28
C LEU B 110 5.82 26.74 -16.87
N LEU B 111 5.80 26.02 -17.99
CA LEU B 111 4.53 25.70 -18.63
C LEU B 111 3.67 24.83 -17.72
N LEU B 112 4.26 23.79 -17.14
CA LEU B 112 3.50 22.90 -16.26
C LEU B 112 3.07 23.63 -14.98
N ARG B 113 3.95 24.46 -14.42
CA ARG B 113 3.57 25.27 -13.26
C ARG B 113 2.35 26.12 -13.56
N ARG B 114 2.36 26.83 -14.69
CA ARG B 114 1.24 27.70 -15.02
C ARG B 114 -0.03 26.90 -15.32
N LEU B 115 0.10 25.78 -16.03
CA LEU B 115 -1.03 24.94 -16.37
C LEU B 115 -1.41 23.95 -15.27
N GLU B 116 -0.89 24.12 -14.06
CA GLU B 116 -1.19 23.15 -12.99
C GLU B 116 -2.69 23.01 -12.72
N PRO B 117 -3.50 24.06 -12.72
CA PRO B 117 -4.95 23.86 -12.56
C PRO B 117 -5.53 22.94 -13.62
N GLU B 118 -5.13 23.11 -14.89
CA GLU B 118 -5.65 22.23 -15.93
C GLU B 118 -5.09 20.81 -15.80
N PHE B 119 -3.84 20.68 -15.33
CA PHE B 119 -3.27 19.35 -15.11
C PHE B 119 -4.05 18.59 -14.04
N LYS B 120 -4.31 19.23 -12.89
CA LYS B 120 -5.04 18.57 -11.81
C LYS B 120 -6.44 18.19 -12.24
N ALA B 121 -7.01 18.93 -13.19
CA ALA B 121 -8.39 18.76 -13.60
C ALA B 121 -8.58 17.64 -14.63
N THR B 122 -7.54 17.29 -15.38
CA THR B 122 -7.69 16.35 -16.48
C THR B 122 -6.77 15.14 -16.42
N VAL B 123 -5.81 15.10 -15.51
CA VAL B 123 -4.83 14.02 -15.46
C VAL B 123 -5.00 13.23 -14.16
N ASP B 124 -4.92 11.90 -14.30
CA ASP B 124 -4.89 11.01 -13.15
C ASP B 124 -3.53 10.33 -13.08
N PRO B 125 -2.75 10.55 -12.02
CA PRO B 125 -1.42 9.92 -11.94
C PRO B 125 -1.46 8.42 -12.11
N ASN B 126 -2.56 7.76 -11.73
CA ASN B 126 -2.65 6.31 -11.89
C ASN B 126 -2.50 5.89 -13.35
N ASP B 127 -2.66 6.81 -14.29
CA ASP B 127 -2.59 6.49 -15.71
C ASP B 127 -1.20 6.69 -16.30
N ILE B 128 -0.39 7.57 -15.69
CA ILE B 128 0.91 7.92 -16.26
C ILE B 128 2.06 7.77 -15.27
N LEU B 129 1.78 7.44 -14.00
CA LEU B 129 2.85 7.34 -13.02
C LEU B 129 3.88 6.30 -13.43
N SER B 130 3.41 5.16 -13.93
CA SER B 130 4.32 4.11 -14.36
C SER B 130 5.19 4.58 -15.53
N GLU B 131 4.58 5.26 -16.50
CA GLU B 131 5.33 5.75 -17.66
C GLU B 131 6.37 6.79 -17.26
N LEU B 132 6.15 7.51 -16.16
CA LEU B 132 6.99 8.61 -15.74
C LEU B 132 7.97 8.23 -14.64
N SER B 133 8.04 6.95 -14.27
CA SER B 133 8.83 6.57 -13.09
C SER B 133 10.30 6.95 -13.23
N GLU B 134 10.89 6.75 -14.42
CA GLU B 134 12.31 7.05 -14.59
C GLU B 134 12.61 8.53 -14.63
N CYS B 135 11.60 9.39 -14.51
CA CYS B 135 11.82 10.84 -14.46
C CYS B 135 11.77 11.39 -13.05
N LEU B 136 11.39 10.57 -12.07
CA LEU B 136 11.22 11.00 -10.70
C LEU B 136 12.13 10.20 -9.78
N ILE B 137 12.39 10.77 -8.59
CA ILE B 137 13.08 10.03 -7.55
C ILE B 137 12.17 8.91 -7.04
N ASN B 138 12.80 7.80 -6.63
CA ASN B 138 12.02 6.64 -6.20
C ASN B 138 11.06 6.98 -5.06
N GLN B 139 11.47 7.84 -4.12
CA GLN B 139 10.57 8.20 -3.04
C GLN B 139 9.42 9.07 -3.52
N GLU B 140 9.65 9.89 -4.55
CA GLU B 140 8.58 10.73 -5.08
C GLU B 140 7.47 9.90 -5.68
N CYS B 141 7.81 8.83 -6.40
CA CYS B 141 6.79 7.94 -6.93
C CYS B 141 5.97 7.32 -5.80
N GLU B 142 6.61 6.97 -4.69
CA GLU B 142 5.91 6.37 -3.58
C GLU B 142 4.97 7.36 -2.90
N GLU B 143 5.41 8.61 -2.73
CA GLU B 143 4.54 9.60 -2.10
C GLU B 143 3.37 9.99 -3.00
N ILE B 144 3.59 9.98 -4.32
CA ILE B 144 2.51 10.28 -5.25
C ILE B 144 1.40 9.24 -5.12
N ARG B 145 1.76 7.97 -4.99
CA ARG B 145 0.74 6.94 -4.87
C ARG B 145 0.04 7.01 -3.51
N GLN B 146 0.79 7.28 -2.44
CA GLN B 146 0.14 7.41 -1.13
C GLN B 146 -0.85 8.56 -1.13
N ILE B 147 -0.45 9.71 -1.67
CA ILE B 147 -1.35 10.85 -1.76
C ILE B 147 -2.54 10.53 -2.65
N ARG B 148 -2.29 9.89 -3.80
CA ARG B 148 -3.38 9.52 -4.69
C ARG B 148 -4.40 8.66 -3.98
N ASP B 149 -3.95 7.77 -3.09
CA ASP B 149 -4.84 6.84 -2.41
C ASP B 149 -5.47 7.41 -1.15
N THR B 150 -4.88 8.43 -0.55
CA THR B 150 -5.42 9.00 0.67
C THR B 150 -6.17 10.31 0.46
N LYS B 151 -5.78 11.12 -0.53
CA LYS B 151 -6.40 12.42 -0.73
C LYS B 151 -7.14 12.57 -2.04
N GLY B 152 -6.90 11.70 -3.03
CA GLY B 152 -7.65 11.70 -4.27
C GLY B 152 -6.78 12.02 -5.47
N ARG B 153 -7.44 12.16 -6.61
CA ARG B 153 -6.75 12.31 -7.90
C ARG B 153 -6.10 13.69 -8.04
N MET B 154 -6.86 14.75 -7.76
CA MET B 154 -6.30 16.10 -7.93
C MET B 154 -5.08 16.29 -7.04
N ALA B 155 -5.15 15.83 -5.79
CA ALA B 155 -4.00 15.95 -4.88
C ALA B 155 -2.80 15.18 -5.39
N GLY B 156 -3.02 13.96 -5.88
CA GLY B 156 -1.91 13.18 -6.43
C GLY B 156 -1.36 13.81 -7.69
N ALA B 157 -2.24 14.35 -8.54
CA ALA B 157 -1.78 15.01 -9.76
C ALA B 157 -0.92 16.23 -9.44
N GLU B 158 -1.29 17.01 -8.42
CA GLU B 158 -0.50 18.19 -8.10
C GLU B 158 0.88 17.81 -7.57
N LYS B 159 0.95 16.78 -6.72
CA LYS B 159 2.25 16.33 -6.24
C LYS B 159 3.10 15.84 -7.41
N MET B 160 2.49 15.13 -8.35
CA MET B 160 3.22 14.65 -9.51
C MET B 160 3.77 15.82 -10.33
N ALA B 161 2.93 16.82 -10.60
CA ALA B 161 3.39 17.98 -11.37
C ALA B 161 4.55 18.68 -10.67
N GLU B 162 4.46 18.84 -9.34
CA GLU B 162 5.54 19.48 -8.60
C GLU B 162 6.81 18.64 -8.63
N CYS B 163 6.68 17.31 -8.69
CA CYS B 163 7.86 16.46 -8.77
C CYS B 163 8.47 16.48 -10.16
N LEU B 164 7.65 16.51 -11.21
CA LEU B 164 8.17 16.66 -12.56
C LEU B 164 8.93 17.97 -12.71
N ILE B 165 8.37 19.06 -12.15
CA ILE B 165 9.04 20.35 -12.24
C ILE B 165 10.44 20.28 -11.66
N ARG B 166 10.66 19.43 -10.64
CA ARG B 166 11.95 19.30 -10.00
C ARG B 166 12.77 18.14 -10.57
N SER B 167 12.32 17.53 -11.67
CA SER B 167 13.05 16.43 -12.29
C SER B 167 14.26 16.95 -13.07
N ASP B 168 15.36 16.20 -12.99
CA ASP B 168 16.57 16.52 -13.74
C ASP B 168 16.75 15.64 -14.97
N LYS B 169 15.75 14.85 -15.34
CA LYS B 169 15.84 14.01 -16.52
C LYS B 169 15.65 14.85 -17.76
N GLU B 170 16.63 14.78 -18.68
CA GLU B 170 16.70 15.70 -19.80
C GLU B 170 15.46 15.66 -20.68
N ASN B 171 14.74 14.55 -20.71
CA ASN B 171 13.64 14.37 -21.67
C ASN B 171 12.30 14.07 -21.01
N TRP B 172 12.11 14.49 -19.76
CA TRP B 172 10.82 14.23 -19.12
C TRP B 172 9.65 14.93 -19.82
N PRO B 173 9.81 16.11 -20.41
CA PRO B 173 8.68 16.66 -21.19
C PRO B 173 8.23 15.73 -22.31
N LYS B 174 9.18 15.09 -23.00
CA LYS B 174 8.80 14.19 -24.09
C LYS B 174 8.20 12.89 -23.56
N VAL B 175 8.74 12.36 -22.46
CA VAL B 175 8.16 11.16 -21.85
C VAL B 175 6.74 11.43 -21.37
N LEU B 176 6.52 12.61 -20.79
CA LEU B 176 5.17 12.97 -20.36
C LEU B 176 4.21 13.06 -21.53
N GLN B 177 4.65 13.71 -22.62
CA GLN B 177 3.80 13.79 -23.81
C GLN B 177 3.43 12.41 -24.31
N LEU B 178 4.41 11.50 -24.37
CA LEU B 178 4.15 10.16 -24.89
C LEU B 178 3.12 9.42 -24.03
N ALA B 179 3.26 9.52 -22.70
CA ALA B 179 2.31 8.87 -21.81
C ALA B 179 0.92 9.47 -21.94
N LEU B 180 0.84 10.81 -22.06
CA LEU B 180 -0.44 11.47 -22.21
C LEU B 180 -1.15 11.04 -23.50
N GLU B 181 -0.37 10.79 -24.57
CA GLU B 181 -0.97 10.36 -25.83
C GLU B 181 -1.54 8.95 -25.74
N LYS B 182 -0.87 8.07 -24.99
CA LYS B 182 -1.35 6.69 -24.87
C LYS B 182 -2.76 6.62 -24.30
N ASP B 183 -3.09 7.52 -23.37
CA ASP B 183 -4.43 7.57 -22.80
C ASP B 183 -5.38 8.47 -23.57
N ASN B 184 -4.89 9.23 -24.54
CA ASN B 184 -5.74 10.18 -25.26
C ASN B 184 -6.41 11.09 -24.25
N SER B 185 -5.68 12.05 -23.71
CA SER B 185 -6.15 12.90 -22.62
C SER B 185 -6.26 14.34 -23.09
N LYS B 186 -7.22 15.06 -22.52
CA LYS B 186 -7.45 16.45 -22.89
C LYS B 186 -6.22 17.32 -22.68
N PHE B 187 -5.28 16.89 -21.84
CA PHE B 187 -4.08 17.67 -21.58
C PHE B 187 -3.06 17.60 -22.71
N SER B 188 -3.11 16.57 -23.57
CA SER B 188 -2.12 16.44 -24.63
C SER B 188 -2.10 17.65 -25.55
N GLU B 189 -3.28 18.22 -25.84
CA GLU B 189 -3.34 19.40 -26.70
C GLU B 189 -2.60 20.59 -26.09
N LEU B 190 -2.36 20.56 -24.78
CA LEU B 190 -1.68 21.65 -24.10
C LEU B 190 -0.19 21.39 -23.89
N TRP B 191 0.29 20.19 -24.20
CA TRP B 191 1.67 19.80 -23.91
C TRP B 191 2.40 19.53 -25.21
N ILE B 192 3.15 20.52 -25.67
CA ILE B 192 3.89 20.46 -26.94
C ILE B 192 5.38 20.39 -26.64
N VAL B 193 6.05 19.41 -27.24
CA VAL B 193 7.47 19.21 -27.02
C VAL B 193 8.27 19.55 -28.27
N ALA C 4 -1.90 54.59 -5.22
CA ALA C 4 -1.49 53.49 -4.36
C ALA C 4 -1.96 53.69 -2.92
N ARG C 5 -3.06 54.43 -2.76
CA ARG C 5 -3.80 54.43 -1.51
C ARG C 5 -4.89 53.38 -1.50
N GLN C 6 -5.35 52.96 -2.68
CA GLN C 6 -6.24 51.82 -2.79
C GLN C 6 -5.63 50.59 -2.13
N THR C 7 -4.36 50.33 -2.41
CA THR C 7 -3.69 49.18 -1.81
C THR C 7 -3.75 49.24 -0.29
N ALA C 8 -3.43 50.40 0.28
CA ALA C 8 -3.48 50.55 1.73
C ALA C 8 -4.88 50.27 2.26
N GLU C 9 -5.90 50.75 1.56
CA GLU C 9 -7.27 50.49 1.98
C GLU C 9 -7.60 49.02 1.84
N GLN C 10 -7.10 48.38 0.78
CA GLN C 10 -7.34 46.96 0.59
C GLN C 10 -6.65 46.13 1.67
N ARG C 11 -5.44 46.52 2.07
CA ARG C 11 -4.74 45.80 3.13
C ARG C 11 -5.46 45.90 4.46
N GLN C 12 -5.96 47.10 4.80
CA GLN C 12 -6.62 47.27 6.09
C GLN C 12 -7.88 46.43 6.18
N ASN C 13 -8.61 46.29 5.07
CA ASN C 13 -9.86 45.54 5.10
C ASN C 13 -9.62 44.04 5.26
N LEU C 14 -8.58 43.51 4.62
CA LEU C 14 -8.28 42.09 4.76
C LEU C 14 -8.02 41.74 6.22
N GLN C 15 -7.23 42.56 6.92
CA GLN C 15 -7.01 42.32 8.33
C GLN C 15 -8.31 42.40 9.11
N ALA C 16 -9.20 43.32 8.73
CA ALA C 16 -10.46 43.45 9.45
C ALA C 16 -11.31 42.19 9.30
N PHE C 17 -11.29 41.57 8.12
CA PHE C 17 -12.13 40.43 7.82
C PHE C 17 -11.35 39.12 7.81
N ARG C 18 -10.14 39.10 8.38
CA ARG C 18 -9.33 37.89 8.35
C ARG C 18 -10.02 36.73 9.05
N ASP C 19 -10.87 37.01 10.03
CA ASP C 19 -11.54 35.93 10.74
C ASP C 19 -12.60 35.23 9.89
N TYR C 20 -13.26 35.97 8.99
CA TYR C 20 -14.15 35.32 8.04
C TYR C 20 -13.37 34.54 6.99
N ILE C 21 -12.25 35.12 6.54
CA ILE C 21 -11.48 34.51 5.45
C ILE C 21 -10.88 33.19 5.88
N LYS C 22 -10.21 33.18 7.04
CA LYS C 22 -9.54 31.97 7.49
C LYS C 22 -10.54 30.87 7.85
N LYS C 23 -11.81 31.21 8.08
CA LYS C 23 -12.84 30.21 8.34
C LYS C 23 -13.35 29.53 7.07
N ILE C 24 -13.08 30.10 5.90
CA ILE C 24 -13.56 29.57 4.64
C ILE C 24 -12.43 29.06 3.77
N LEU C 25 -11.34 29.80 3.68
CA LEU C 25 -10.30 29.60 2.67
C LEU C 25 -9.31 28.53 3.09
N ASP C 26 -9.14 27.50 2.26
CA ASP C 26 -7.98 26.63 2.35
C ASP C 26 -7.02 27.08 1.27
N PRO C 27 -5.96 27.85 1.60
CA PRO C 27 -5.12 28.41 0.54
C PRO C 27 -4.43 27.37 -0.33
N THR C 28 -4.27 26.14 0.15
CA THR C 28 -3.67 25.11 -0.69
C THR C 28 -4.47 24.90 -1.97
N TYR C 29 -5.75 25.27 -1.98
CA TYR C 29 -6.59 25.10 -3.17
C TYR C 29 -6.46 26.23 -4.16
N ILE C 30 -5.89 27.37 -3.76
CA ILE C 30 -5.73 28.49 -4.69
C ILE C 30 -4.26 28.83 -4.91
N LEU C 31 -3.35 27.90 -4.58
CA LEU C 31 -1.94 28.17 -4.82
C LEU C 31 -1.57 27.93 -6.28
N SER C 32 -2.32 27.06 -6.97
CA SER C 32 -2.08 26.79 -8.38
C SER C 32 -2.42 27.98 -9.26
N TYR C 33 -3.28 28.88 -8.80
CA TYR C 33 -3.63 30.09 -9.55
C TYR C 33 -2.81 31.29 -9.12
N MET C 34 -1.99 31.16 -8.07
CA MET C 34 -1.19 32.28 -7.56
C MET C 34 0.30 31.98 -7.57
N SER C 35 0.73 30.88 -8.19
CA SER C 35 2.11 30.46 -8.07
C SER C 35 3.08 31.50 -8.65
N SER C 36 2.62 32.29 -9.62
CA SER C 36 3.46 33.31 -10.23
C SER C 36 3.61 34.54 -9.35
N TRP C 37 2.83 34.65 -8.27
CA TRP C 37 2.91 35.79 -7.36
C TRP C 37 3.64 35.46 -6.07
N LEU C 38 3.90 34.19 -5.77
CA LEU C 38 4.61 33.79 -4.57
C LEU C 38 5.86 33.01 -4.93
N GLU C 39 6.89 33.15 -4.10
CA GLU C 39 8.09 32.35 -4.25
C GLU C 39 7.78 30.87 -4.00
N ASP C 40 8.54 29.99 -4.66
CA ASP C 40 8.36 28.56 -4.46
C ASP C 40 8.49 28.20 -2.99
N GLU C 41 9.42 28.84 -2.27
CA GLU C 41 9.57 28.59 -0.85
C GLU C 41 8.32 29.01 -0.07
N GLU C 42 7.74 30.15 -0.43
CA GLU C 42 6.52 30.60 0.26
C GLU C 42 5.36 29.65 -0.02
N VAL C 43 5.26 29.14 -1.25
CA VAL C 43 4.23 28.16 -1.58
C VAL C 43 4.38 26.92 -0.70
N GLN C 44 5.61 26.42 -0.57
CA GLN C 44 5.84 25.21 0.19
C GLN C 44 5.64 25.42 1.69
N TYR C 45 5.97 26.61 2.19
CA TYR C 45 5.72 26.91 3.59
C TYR C 45 4.23 26.90 3.90
N ILE C 46 3.42 27.48 3.02
CA ILE C 46 1.97 27.47 3.22
C ILE C 46 1.45 26.06 3.12
N GLN C 47 1.97 25.26 2.18
CA GLN C 47 1.53 23.88 2.03
C GLN C 47 1.93 23.04 3.24
N ALA C 48 3.16 23.22 3.72
CA ALA C 48 3.60 22.49 4.89
C ALA C 48 2.80 22.86 6.13
N GLU C 49 2.44 24.14 6.26
CA GLU C 49 1.64 24.59 7.39
C GLU C 49 0.28 23.92 7.40
N LYS C 50 -0.29 23.69 6.21
CA LYS C 50 -1.57 23.01 6.10
C LYS C 50 -1.44 21.55 6.56
N ASN C 51 -0.38 20.86 6.13
CA ASN C 51 -0.19 19.47 6.50
C ASN C 51 0.12 19.30 7.98
N ASN C 52 0.80 20.29 8.59
CA ASN C 52 1.24 20.18 9.97
C ASN C 52 0.27 20.76 10.98
N LYS C 53 -0.53 21.75 10.60
CA LYS C 53 -1.39 22.46 11.53
C LYS C 53 -2.84 22.57 11.09
N GLY C 54 -3.14 22.50 9.79
CA GLY C 54 -4.50 22.54 9.32
C GLY C 54 -4.78 23.69 8.37
N PRO C 55 -5.99 23.71 7.80
CA PRO C 55 -6.32 24.77 6.83
C PRO C 55 -6.28 26.17 7.39
N MET C 56 -6.79 26.36 8.62
CA MET C 56 -6.94 27.72 9.14
C MET C 56 -5.60 28.41 9.35
N GLU C 57 -4.65 27.72 9.99
CA GLU C 57 -3.33 28.33 10.16
C GLU C 57 -2.65 28.54 8.83
N ALA C 58 -2.90 27.65 7.86
CA ALA C 58 -2.36 27.86 6.52
C ALA C 58 -2.95 29.11 5.89
N ALA C 59 -4.25 29.34 6.10
CA ALA C 59 -4.87 30.56 5.59
C ALA C 59 -4.28 31.79 6.26
N SER C 60 -4.03 31.71 7.58
CA SER C 60 -3.43 32.84 8.28
C SER C 60 -2.05 33.17 7.73
N LEU C 61 -1.25 32.14 7.45
CA LEU C 61 0.06 32.38 6.87
C LEU C 61 -0.06 32.93 5.45
N PHE C 62 -1.00 32.40 4.67
CA PHE C 62 -1.18 32.90 3.31
C PHE C 62 -1.52 34.39 3.31
N LEU C 63 -2.35 34.82 4.25
CA LEU C 63 -2.69 36.23 4.34
C LEU C 63 -1.47 37.06 4.71
N GLN C 64 -0.61 36.53 5.59
CA GLN C 64 0.61 37.25 5.95
C GLN C 64 1.42 37.57 4.70
N TYR C 65 1.58 36.61 3.80
CA TYR C 65 2.25 36.88 2.54
C TYR C 65 1.44 37.85 1.69
N LEU C 66 0.13 37.61 1.57
CA LEU C 66 -0.72 38.45 0.73
C LEU C 66 -0.63 39.92 1.13
N LEU C 67 -0.58 40.19 2.44
CA LEU C 67 -0.60 41.57 2.92
C LEU C 67 0.73 42.29 2.73
N LYS C 68 1.78 41.60 2.30
CA LYS C 68 3.06 42.23 2.06
C LYS C 68 3.42 42.34 0.58
N LEU C 69 2.58 41.79 -0.30
CA LEU C 69 2.84 41.91 -1.73
C LEU C 69 2.75 43.37 -2.16
N GLN C 70 3.48 43.72 -3.22
CA GLN C 70 3.48 45.09 -3.73
C GLN C 70 3.30 45.22 -5.23
N SER C 71 3.51 44.15 -6.01
CA SER C 71 3.36 44.27 -7.45
C SER C 71 1.98 44.81 -7.82
N GLU C 72 1.90 45.46 -8.97
CA GLU C 72 0.64 46.05 -9.39
C GLU C 72 -0.36 44.95 -9.70
N GLY C 73 -1.54 45.04 -9.08
CA GLY C 73 -2.60 44.11 -9.35
C GLY C 73 -2.60 42.86 -8.50
N TRP C 74 -1.84 42.84 -7.40
CA TRP C 74 -1.79 41.66 -6.56
C TRP C 74 -3.17 41.33 -5.99
N PHE C 75 -3.97 42.36 -5.70
CA PHE C 75 -5.27 42.13 -5.09
C PHE C 75 -6.22 41.44 -6.06
N GLN C 76 -6.29 41.96 -7.30
CA GLN C 76 -7.14 41.34 -8.30
C GLN C 76 -6.70 39.91 -8.62
N ALA C 77 -5.40 39.63 -8.54
CA ALA C 77 -4.93 38.26 -8.73
C ALA C 77 -5.51 37.34 -7.66
N PHE C 78 -5.60 37.83 -6.43
CA PHE C 78 -6.20 37.03 -5.36
C PHE C 78 -7.68 36.78 -5.61
N LEU C 79 -8.42 37.82 -6.01
CA LEU C 79 -9.83 37.66 -6.32
C LEU C 79 -10.04 36.63 -7.43
N ASP C 80 -9.25 36.73 -8.50
CA ASP C 80 -9.37 35.79 -9.60
C ASP C 80 -9.03 34.37 -9.15
N ALA C 81 -7.98 34.21 -8.35
CA ALA C 81 -7.61 32.90 -7.84
C ALA C 81 -8.75 32.30 -7.02
N LEU C 82 -9.31 33.09 -6.10
CA LEU C 82 -10.45 32.62 -5.32
C LEU C 82 -11.58 32.16 -6.23
N TYR C 83 -11.94 32.99 -7.22
CA TYR C 83 -13.08 32.68 -8.07
C TYR C 83 -12.90 31.37 -8.82
N HIS C 84 -11.80 31.24 -9.55
CA HIS C 84 -11.58 30.08 -10.39
C HIS C 84 -11.32 28.81 -9.60
N ALA C 85 -10.87 28.93 -8.35
CA ALA C 85 -10.78 27.75 -7.51
C ALA C 85 -12.16 27.27 -7.09
N GLY C 86 -13.12 28.19 -7.03
CA GLY C 86 -14.49 27.86 -6.66
C GLY C 86 -15.06 28.72 -5.56
N TYR C 87 -14.24 29.59 -4.98
CA TYR C 87 -14.66 30.46 -3.88
C TYR C 87 -15.40 31.69 -4.40
N CYS C 88 -16.49 31.43 -5.13
CA CYS C 88 -17.29 32.52 -5.67
C CYS C 88 -17.92 33.35 -4.55
N GLY C 89 -18.48 32.68 -3.53
CA GLY C 89 -19.10 33.41 -2.44
C GLY C 89 -18.11 34.26 -1.66
N LEU C 90 -16.96 33.67 -1.32
CA LEU C 90 -15.94 34.44 -0.61
C LEU C 90 -15.37 35.52 -1.51
N CYS C 91 -15.20 35.22 -2.79
CA CYS C 91 -14.73 36.23 -3.74
C CYS C 91 -15.73 37.38 -3.84
N GLU C 92 -17.02 37.06 -3.93
CA GLU C 92 -18.04 38.10 -4.00
C GLU C 92 -18.06 38.95 -2.73
N ALA C 93 -17.85 38.32 -1.57
CA ALA C 93 -17.88 39.05 -0.31
C ALA C 93 -16.69 40.00 -0.20
N ILE C 94 -15.50 39.54 -0.60
CA ILE C 94 -14.31 40.38 -0.51
C ILE C 94 -14.38 41.52 -1.52
N GLU C 95 -14.86 41.23 -2.73
CA GLU C 95 -14.91 42.25 -3.78
C GLU C 95 -15.80 43.42 -3.38
N SER C 96 -16.85 43.17 -2.60
CA SER C 96 -17.77 44.21 -2.17
C SER C 96 -17.65 44.52 -0.68
N TRP C 97 -16.76 43.84 0.04
CA TRP C 97 -16.60 44.02 1.48
C TRP C 97 -17.94 43.92 2.20
N ASP C 98 -18.76 42.96 1.78
CA ASP C 98 -20.06 42.68 2.40
C ASP C 98 -20.12 41.19 2.70
N PHE C 99 -20.00 40.84 3.98
CA PHE C 99 -20.02 39.44 4.40
C PHE C 99 -21.37 39.02 4.97
N GLN C 100 -22.45 39.72 4.61
CA GLN C 100 -23.76 39.40 5.17
C GLN C 100 -24.20 37.98 4.83
N LYS C 101 -24.07 37.58 3.56
CA LYS C 101 -24.48 36.24 3.18
C LYS C 101 -23.68 35.18 3.93
N ILE C 102 -22.43 35.48 4.27
CA ILE C 102 -21.61 34.53 5.01
C ILE C 102 -21.94 34.58 6.50
N GLU C 103 -22.25 35.76 7.03
CA GLU C 103 -22.64 35.86 8.43
C GLU C 103 -23.92 35.08 8.69
N LYS C 104 -24.92 35.20 7.80
CA LYS C 104 -26.18 34.50 8.00
C LYS C 104 -26.00 33.00 8.07
N LEU C 105 -24.91 32.46 7.55
CA LEU C 105 -24.64 31.03 7.62
C LEU C 105 -24.15 30.60 8.99
N GLU C 106 -23.73 31.54 9.84
CA GLU C 106 -23.16 31.19 11.14
C GLU C 106 -24.09 30.28 11.94
N GLU C 107 -25.40 30.53 11.88
CA GLU C 107 -26.34 29.72 12.65
C GLU C 107 -26.28 28.26 12.21
N HIS C 108 -26.14 28.00 10.92
CA HIS C 108 -26.08 26.62 10.44
C HIS C 108 -24.69 26.02 10.54
N ARG C 109 -23.65 26.85 10.61
CA ARG C 109 -22.34 26.32 10.97
C ARG C 109 -22.36 25.80 12.40
N LEU C 110 -22.99 26.54 13.32
CA LEU C 110 -23.08 26.11 14.71
C LEU C 110 -23.95 24.87 14.85
N LEU C 111 -25.05 24.82 14.11
CA LEU C 111 -25.96 23.68 14.23
C LEU C 111 -25.31 22.39 13.76
N LEU C 112 -24.67 22.41 12.59
CA LEU C 112 -24.06 21.19 12.08
C LEU C 112 -22.88 20.74 12.93
N ARG C 113 -22.12 21.68 13.47
CA ARG C 113 -21.01 21.31 14.34
C ARG C 113 -21.52 20.72 15.65
N ARG C 114 -22.58 21.29 16.21
CA ARG C 114 -23.17 20.73 17.43
C ARG C 114 -23.77 19.35 17.18
N LEU C 115 -24.33 19.12 15.99
CA LEU C 115 -24.98 17.87 15.66
C LEU C 115 -24.08 16.91 14.90
N GLU C 116 -22.78 17.20 14.82
CA GLU C 116 -21.87 16.36 14.07
C GLU C 116 -21.87 14.91 14.53
N PRO C 117 -21.93 14.59 15.84
CA PRO C 117 -22.01 13.18 16.24
C PRO C 117 -23.19 12.44 15.63
N GLU C 118 -24.37 13.06 15.63
CA GLU C 118 -25.52 12.43 14.97
C GLU C 118 -25.32 12.38 13.46
N PHE C 119 -24.65 13.38 12.91
CA PHE C 119 -24.35 13.39 11.48
C PHE C 119 -23.48 12.19 11.11
N LYS C 120 -22.39 11.98 11.86
CA LYS C 120 -21.50 10.86 11.59
C LYS C 120 -22.22 9.53 11.78
N ALA C 121 -23.24 9.49 12.63
CA ALA C 121 -23.94 8.24 12.94
C ALA C 121 -25.03 7.89 11.92
N THR C 122 -25.58 8.88 11.20
CA THR C 122 -26.74 8.64 10.35
C THR C 122 -26.56 9.00 8.88
N VAL C 123 -25.46 9.62 8.50
CA VAL C 123 -25.26 10.05 7.11
C VAL C 123 -24.11 9.25 6.51
N ASP C 124 -24.29 8.82 5.27
CA ASP C 124 -23.22 8.20 4.49
C ASP C 124 -22.88 9.17 3.36
N PRO C 125 -21.69 9.75 3.32
CA PRO C 125 -21.38 10.71 2.26
C PRO C 125 -21.58 10.15 0.86
N ASN C 126 -21.39 8.86 0.65
CA ASN C 126 -21.60 8.27 -0.66
C ASN C 126 -23.02 8.45 -1.18
N ASP C 127 -23.97 8.81 -0.31
CA ASP C 127 -25.36 8.91 -0.72
C ASP C 127 -25.75 10.32 -1.15
N ILE C 128 -25.08 11.35 -0.66
CA ILE C 128 -25.48 12.73 -0.94
C ILE C 128 -24.36 13.59 -1.48
N LEU C 129 -23.14 13.06 -1.60
CA LEU C 129 -22.02 13.90 -2.02
C LEU C 129 -22.25 14.50 -3.40
N SER C 130 -22.84 13.73 -4.32
CA SER C 130 -23.09 14.25 -5.66
C SER C 130 -24.07 15.44 -5.61
N GLU C 131 -25.12 15.32 -4.81
CA GLU C 131 -26.07 16.43 -4.67
C GLU C 131 -25.41 17.66 -4.06
N LEU C 132 -24.34 17.49 -3.31
CA LEU C 132 -23.71 18.58 -2.59
C LEU C 132 -22.47 19.11 -3.29
N SER C 133 -22.09 18.55 -4.44
CA SER C 133 -20.85 18.93 -5.10
C SER C 133 -20.81 20.39 -5.52
N GLU C 134 -21.95 21.08 -5.51
CA GLU C 134 -21.97 22.50 -5.83
C GLU C 134 -21.66 23.37 -4.61
N CYS C 135 -21.57 22.77 -3.42
CA CYS C 135 -21.27 23.49 -2.20
C CYS C 135 -19.83 23.31 -1.72
N LEU C 136 -19.09 22.42 -2.35
CA LEU C 136 -17.72 22.10 -1.95
C LEU C 136 -16.78 22.34 -3.12
N ILE C 137 -15.50 22.55 -2.81
CA ILE C 137 -14.49 22.56 -3.85
C ILE C 137 -14.33 21.14 -4.39
N ASN C 138 -14.05 21.04 -5.69
CA ASN C 138 -13.97 19.72 -6.30
C ASN C 138 -12.97 18.82 -5.57
N GLN C 139 -11.86 19.39 -5.11
CA GLN C 139 -10.88 18.57 -4.40
C GLN C 139 -11.40 18.10 -3.04
N GLU C 140 -12.26 18.89 -2.39
CA GLU C 140 -12.83 18.44 -1.12
C GLU C 140 -13.69 17.20 -1.33
N CYS C 141 -14.47 17.18 -2.42
CA CYS C 141 -15.26 16.00 -2.74
C CYS C 141 -14.37 14.79 -2.98
N GLU C 142 -13.22 15.00 -3.60
CA GLU C 142 -12.31 13.89 -3.85
C GLU C 142 -11.70 13.38 -2.55
N GLU C 143 -11.39 14.27 -1.61
CA GLU C 143 -10.83 13.82 -0.35
C GLU C 143 -11.87 13.10 0.50
N ILE C 144 -13.13 13.56 0.42
CA ILE C 144 -14.20 12.90 1.16
C ILE C 144 -14.40 11.47 0.68
N ARG C 145 -14.31 11.23 -0.63
CA ARG C 145 -14.49 9.87 -1.14
C ARG C 145 -13.30 8.98 -0.76
N GLN C 146 -12.08 9.51 -0.82
CA GLN C 146 -10.92 8.71 -0.42
C GLN C 146 -10.98 8.32 1.05
N ILE C 147 -11.34 9.26 1.92
CA ILE C 147 -11.45 8.93 3.34
C ILE C 147 -12.55 7.89 3.55
N ARG C 148 -13.70 8.09 2.91
CA ARG C 148 -14.78 7.11 2.98
C ARG C 148 -14.30 5.75 2.51
N ASP C 149 -13.42 5.71 1.51
CA ASP C 149 -12.96 4.46 0.92
C ASP C 149 -11.82 3.82 1.71
N THR C 150 -11.08 4.60 2.49
CA THR C 150 -9.99 4.08 3.30
C THR C 150 -10.31 3.94 4.77
N LYS C 151 -11.16 4.81 5.33
CA LYS C 151 -11.43 4.82 6.76
C LYS C 151 -12.86 4.47 7.16
N GLY C 152 -13.81 4.52 6.24
CA GLY C 152 -15.16 4.09 6.53
C GLY C 152 -16.17 5.23 6.46
N ARG C 153 -17.40 4.91 6.83
CA ARG C 153 -18.50 5.86 6.67
C ARG C 153 -18.38 7.01 7.66
N MET C 154 -18.19 6.69 8.95
CA MET C 154 -18.14 7.74 9.96
C MET C 154 -16.98 8.70 9.70
N ALA C 155 -15.82 8.17 9.32
CA ALA C 155 -14.69 9.03 9.01
C ALA C 155 -14.99 9.94 7.83
N GLY C 156 -15.61 9.38 6.78
CA GLY C 156 -15.96 10.20 5.63
C GLY C 156 -17.07 11.21 5.92
N ALA C 157 -18.06 10.81 6.72
CA ALA C 157 -19.14 11.73 7.07
C ALA C 157 -18.61 12.95 7.83
N GLU C 158 -17.62 12.73 8.71
CA GLU C 158 -17.05 13.85 9.46
C GLU C 158 -16.30 14.79 8.52
N LYS C 159 -15.57 14.26 7.55
CA LYS C 159 -14.92 15.12 6.58
C LYS C 159 -15.94 15.94 5.80
N MET C 160 -17.06 15.32 5.43
CA MET C 160 -18.11 16.04 4.72
C MET C 160 -18.66 17.18 5.58
N ALA C 161 -18.96 16.89 6.84
CA ALA C 161 -19.49 17.91 7.71
C ALA C 161 -18.51 19.08 7.87
N GLU C 162 -17.22 18.77 8.03
CA GLU C 162 -16.23 19.82 8.17
C GLU C 162 -16.12 20.67 6.92
N CYS C 163 -16.34 20.09 5.74
CA CYS C 163 -16.26 20.86 4.50
C CYS C 163 -17.47 21.76 4.33
N LEU C 164 -18.66 21.26 4.67
CA LEU C 164 -19.86 22.10 4.60
C LEU C 164 -19.75 23.31 5.52
N ILE C 165 -19.23 23.12 6.73
CA ILE C 165 -19.09 24.21 7.68
C ILE C 165 -18.27 25.35 7.09
N ARG C 166 -17.28 25.04 6.25
CA ARG C 166 -16.44 26.07 5.65
C ARG C 166 -16.88 26.45 4.24
N SER C 167 -18.07 26.03 3.83
CA SER C 167 -18.58 26.38 2.51
C SER C 167 -19.00 27.84 2.46
N ASP C 168 -18.75 28.48 1.32
CA ASP C 168 -19.15 29.87 1.12
C ASP C 168 -20.41 30.02 0.29
N LYS C 169 -21.08 28.91 -0.03
CA LYS C 169 -22.34 28.99 -0.78
C LYS C 169 -23.46 29.41 0.16
N GLU C 170 -24.13 30.50 -0.17
CA GLU C 170 -25.09 31.11 0.75
C GLU C 170 -26.22 30.16 1.11
N ASN C 171 -26.49 29.15 0.28
CA ASN C 171 -27.66 28.29 0.47
C ASN C 171 -27.27 26.82 0.63
N TRP C 172 -26.06 26.55 1.11
CA TRP C 172 -25.68 25.15 1.32
C TRP C 172 -26.55 24.48 2.39
N PRO C 173 -27.05 25.18 3.42
CA PRO C 173 -28.00 24.53 4.33
C PRO C 173 -29.23 24.01 3.61
N LYS C 174 -29.75 24.79 2.66
CA LYS C 174 -30.92 24.34 1.91
C LYS C 174 -30.54 23.23 0.92
N VAL C 175 -29.35 23.33 0.33
CA VAL C 175 -28.89 22.26 -0.55
C VAL C 175 -28.75 20.96 0.23
N LEU C 176 -28.20 21.05 1.45
CA LEU C 176 -28.08 19.87 2.30
C LEU C 176 -29.44 19.30 2.67
N GLN C 177 -30.38 20.17 3.05
CA GLN C 177 -31.71 19.67 3.40
C GLN C 177 -32.32 18.87 2.27
N LEU C 178 -32.21 19.40 1.04
CA LEU C 178 -32.81 18.70 -0.11
C LEU C 178 -32.15 17.35 -0.35
N ALA C 179 -30.82 17.29 -0.25
CA ALA C 179 -30.14 16.02 -0.44
C ALA C 179 -30.54 15.01 0.63
N LEU C 180 -30.65 15.48 1.88
CA LEU C 180 -31.03 14.57 2.98
C LEU C 180 -32.43 14.02 2.78
N GLU C 181 -33.35 14.83 2.28
CA GLU C 181 -34.72 14.36 2.07
C GLU C 181 -34.78 13.37 0.91
N LYS C 182 -34.02 13.61 -0.15
CA LYS C 182 -34.04 12.70 -1.29
C LYS C 182 -33.58 11.30 -0.90
N ASP C 183 -32.61 11.22 0.01
CA ASP C 183 -32.11 9.94 0.48
C ASP C 183 -32.89 9.37 1.66
N ASN C 184 -33.83 10.14 2.20
CA ASN C 184 -34.60 9.71 3.37
C ASN C 184 -33.64 9.32 4.49
N SER C 185 -33.07 10.33 5.15
CA SER C 185 -32.06 10.13 6.17
C SER C 185 -32.62 10.61 7.50
N LYS C 186 -32.27 9.90 8.57
CA LYS C 186 -32.75 10.28 9.89
C LYS C 186 -32.32 11.69 10.28
N PHE C 187 -31.27 12.20 9.65
CA PHE C 187 -30.74 13.51 10.00
C PHE C 187 -31.62 14.66 9.53
N SER C 188 -32.43 14.44 8.49
CA SER C 188 -33.27 15.52 7.96
C SER C 188 -34.22 16.05 9.03
N GLU C 189 -34.72 15.18 9.90
CA GLU C 189 -35.61 15.61 10.98
C GLU C 189 -34.93 16.60 11.92
N LEU C 190 -33.61 16.65 11.90
CA LEU C 190 -32.83 17.55 12.75
C LEU C 190 -32.39 18.81 12.02
N TRP C 191 -32.66 18.92 10.72
CA TRP C 191 -32.14 20.00 9.89
C TRP C 191 -33.30 20.85 9.40
N ILE C 192 -33.43 22.06 9.96
CA ILE C 192 -34.51 22.99 9.66
C ILE C 192 -33.93 24.19 8.94
N VAL C 193 -34.40 24.44 7.72
CA VAL C 193 -33.95 25.55 6.89
C VAL C 193 -35.02 26.63 6.78
N ASP C 194 -36.19 26.26 6.25
CA ASP C 194 -37.31 27.19 6.12
C ASP C 194 -38.59 26.58 6.65
N ARG D 5 30.11 -4.73 22.32
CA ARG D 5 31.26 -4.94 21.44
C ARG D 5 30.80 -5.21 20.02
N GLN D 6 30.18 -6.38 19.81
CA GLN D 6 29.62 -6.69 18.50
C GLN D 6 28.45 -5.79 18.15
N THR D 7 27.78 -5.20 19.14
CA THR D 7 26.77 -4.19 18.85
C THR D 7 27.37 -3.02 18.10
N ALA D 8 28.52 -2.52 18.57
CA ALA D 8 29.16 -1.39 17.90
C ALA D 8 29.50 -1.73 16.46
N GLU D 9 30.00 -2.95 16.21
CA GLU D 9 30.30 -3.35 14.84
C GLU D 9 29.04 -3.53 14.03
N GLN D 10 28.00 -4.13 14.63
CA GLN D 10 26.74 -4.31 13.90
C GLN D 10 26.09 -2.97 13.62
N ARG D 11 26.24 -2.02 14.54
CA ARG D 11 25.71 -0.69 14.31
C ARG D 11 26.37 -0.02 13.11
N GLN D 12 27.69 -0.15 13.00
CA GLN D 12 28.41 0.50 11.90
C GLN D 12 28.02 -0.09 10.56
N ASN D 13 27.80 -1.41 10.50
CA ASN D 13 27.46 -2.05 9.23
C ASN D 13 26.05 -1.66 8.77
N LEU D 14 25.12 -1.54 9.71
CA LEU D 14 23.76 -1.12 9.33
C LEU D 14 23.78 0.23 8.63
N GLN D 15 24.51 1.20 9.20
CA GLN D 15 24.59 2.50 8.55
C GLN D 15 25.24 2.41 7.18
N ALA D 16 26.25 1.55 7.05
CA ALA D 16 26.92 1.40 5.77
C ALA D 16 25.99 0.85 4.70
N PHE D 17 25.12 -0.08 5.06
CA PHE D 17 24.23 -0.75 4.11
C PHE D 17 22.79 -0.25 4.18
N ARG D 18 22.55 0.84 4.92
CA ARG D 18 21.17 1.31 5.09
C ARG D 18 20.47 1.47 3.75
N ASP D 19 21.15 2.04 2.76
CA ASP D 19 20.50 2.33 1.49
C ASP D 19 20.06 1.06 0.77
N TYR D 20 20.79 -0.05 0.94
CA TYR D 20 20.29 -1.31 0.38
C TYR D 20 19.08 -1.79 1.13
N ILE D 21 19.07 -1.62 2.46
CA ILE D 21 17.96 -2.14 3.27
C ILE D 21 16.67 -1.41 2.94
N LYS D 22 16.70 -0.08 2.95
CA LYS D 22 15.46 0.67 2.72
C LYS D 22 14.95 0.50 1.30
N LYS D 23 15.74 -0.10 0.40
CA LYS D 23 15.26 -0.43 -0.93
C LYS D 23 14.46 -1.72 -0.94
N ILE D 24 14.55 -2.53 0.11
CA ILE D 24 13.83 -3.78 0.21
C ILE D 24 12.80 -3.76 1.34
N LEU D 25 13.17 -3.21 2.49
CA LEU D 25 12.41 -3.38 3.72
C LEU D 25 11.27 -2.37 3.83
N ASP D 26 10.05 -2.89 4.02
CA ASP D 26 8.92 -2.10 4.49
C ASP D 26 8.75 -2.38 5.98
N PRO D 27 9.15 -1.46 6.88
CA PRO D 27 9.14 -1.79 8.31
C PRO D 27 7.76 -2.11 8.84
N THR D 28 6.71 -1.70 8.13
CA THR D 28 5.36 -2.01 8.54
C THR D 28 5.12 -3.51 8.69
N TYR D 29 5.90 -4.33 8.00
CA TYR D 29 5.72 -5.78 8.08
C TYR D 29 6.46 -6.42 9.24
N ILE D 30 7.40 -5.72 9.87
CA ILE D 30 8.10 -6.30 11.02
C ILE D 30 7.92 -5.48 12.30
N LEU D 31 6.90 -4.63 12.36
CA LEU D 31 6.69 -3.87 13.59
C LEU D 31 6.05 -4.71 14.68
N SER D 32 5.31 -5.74 14.31
CA SER D 32 4.71 -6.62 15.30
C SER D 32 5.76 -7.42 16.06
N TYR D 33 6.95 -7.58 15.49
CA TYR D 33 8.07 -8.24 16.17
C TYR D 33 8.94 -7.29 16.96
N MET D 34 8.90 -5.99 16.66
CA MET D 34 9.82 -5.01 17.22
C MET D 34 9.17 -4.03 18.18
N SER D 35 7.87 -4.17 18.46
CA SER D 35 7.18 -3.17 19.28
C SER D 35 7.77 -3.07 20.68
N SER D 36 8.34 -4.16 21.19
CA SER D 36 8.92 -4.17 22.53
C SER D 36 10.27 -3.46 22.57
N TRP D 37 10.85 -3.14 21.43
CA TRP D 37 12.13 -2.46 21.37
C TRP D 37 11.98 -0.97 21.07
N LEU D 38 10.79 -0.52 20.65
CA LEU D 38 10.53 0.86 20.31
C LEU D 38 9.41 1.42 21.17
N GLU D 39 9.45 2.73 21.43
CA GLU D 39 8.35 3.42 22.09
C GLU D 39 7.10 3.39 21.22
N ASP D 40 5.93 3.39 21.86
CA ASP D 40 4.68 3.39 21.11
C ASP D 40 4.60 4.56 20.13
N GLU D 41 5.09 5.73 20.53
CA GLU D 41 5.07 6.87 19.61
C GLU D 41 5.94 6.59 18.39
N GLU D 42 7.10 5.98 18.58
CA GLU D 42 7.98 5.69 17.45
C GLU D 42 7.36 4.67 16.51
N VAL D 43 6.65 3.68 17.06
CA VAL D 43 5.96 2.70 16.22
C VAL D 43 4.93 3.41 15.34
N GLN D 44 4.12 4.27 15.95
CA GLN D 44 3.04 4.93 15.22
C GLN D 44 3.57 5.97 14.25
N TYR D 45 4.69 6.63 14.59
CA TYR D 45 5.29 7.56 13.65
C TYR D 45 5.73 6.84 12.38
N ILE D 46 6.31 5.65 12.53
CA ILE D 46 6.71 4.85 11.38
C ILE D 46 5.48 4.46 10.55
N GLN D 47 4.39 4.13 11.23
CA GLN D 47 3.17 3.72 10.52
C GLN D 47 2.58 4.90 9.75
N ALA D 48 2.53 6.07 10.37
CA ALA D 48 2.02 7.25 9.68
C ALA D 48 2.89 7.60 8.48
N GLU D 49 4.21 7.43 8.62
CA GLU D 49 5.11 7.70 7.50
C GLU D 49 4.84 6.78 6.33
N LYS D 50 4.48 5.53 6.61
CA LYS D 50 4.15 4.59 5.54
C LYS D 50 2.90 5.05 4.80
N ASN D 51 1.87 5.43 5.54
CA ASN D 51 0.62 5.83 4.90
C ASN D 51 0.76 7.15 4.16
N ASN D 52 1.62 8.05 4.64
CA ASN D 52 1.74 9.37 4.06
C ASN D 52 2.81 9.48 2.98
N LYS D 53 3.86 8.65 3.05
CA LYS D 53 4.99 8.80 2.15
C LYS D 53 5.42 7.53 1.43
N GLY D 54 5.16 6.37 2.00
CA GLY D 54 5.49 5.13 1.32
C GLY D 54 6.48 4.28 2.09
N PRO D 55 6.76 3.09 1.57
CA PRO D 55 7.66 2.16 2.29
C PRO D 55 9.07 2.71 2.49
N MET D 56 9.66 3.36 1.48
CA MET D 56 11.06 3.73 1.59
C MET D 56 11.28 4.77 2.68
N GLU D 57 10.43 5.80 2.73
CA GLU D 57 10.57 6.80 3.79
C GLU D 57 10.27 6.20 5.17
N ALA D 58 9.36 5.23 5.23
CA ALA D 58 9.11 4.56 6.49
C ALA D 58 10.34 3.75 6.92
N ALA D 59 10.99 3.08 5.96
CA ALA D 59 12.19 2.31 6.27
C ALA D 59 13.32 3.23 6.75
N SER D 60 13.46 4.41 6.13
CA SER D 60 14.47 5.34 6.59
C SER D 60 14.22 5.77 8.03
N LEU D 61 12.96 6.03 8.37
CA LEU D 61 12.66 6.42 9.75
C LEU D 61 12.91 5.26 10.71
N PHE D 62 12.53 4.05 10.31
CA PHE D 62 12.77 2.89 11.16
C PHE D 62 14.26 2.68 11.41
N LEU D 63 15.08 2.85 10.37
CA LEU D 63 16.53 2.67 10.53
C LEU D 63 17.13 3.73 11.43
N GLN D 64 16.65 4.97 11.33
CA GLN D 64 17.13 6.01 12.23
C GLN D 64 16.89 5.62 13.69
N TYR D 65 15.69 5.13 14.00
CA TYR D 65 15.41 4.65 15.34
C TYR D 65 16.27 3.45 15.68
N LEU D 66 16.32 2.47 14.77
CA LEU D 66 17.07 1.24 15.04
C LEU D 66 18.53 1.54 15.37
N LEU D 67 19.10 2.54 14.71
CA LEU D 67 20.52 2.88 14.89
C LEU D 67 20.82 3.59 16.20
N LYS D 68 19.79 3.96 16.98
CA LYS D 68 20.00 4.59 18.28
C LYS D 68 19.65 3.68 19.44
N LEU D 69 19.15 2.47 19.19
CA LEU D 69 18.84 1.55 20.28
C LEU D 69 20.11 1.16 21.02
N GLN D 70 19.95 0.81 22.30
CA GLN D 70 21.05 0.36 23.14
C GLN D 70 20.74 -0.90 23.93
N SER D 71 19.47 -1.26 24.08
CA SER D 71 19.11 -2.44 24.85
C SER D 71 19.78 -3.69 24.30
N GLU D 72 19.98 -4.67 25.17
CA GLU D 72 20.66 -5.90 24.78
C GLU D 72 19.79 -6.72 23.83
N GLY D 73 20.35 -7.09 22.69
CA GLY D 73 19.69 -7.98 21.76
C GLY D 73 18.79 -7.33 20.74
N TRP D 74 18.85 -5.99 20.59
CA TRP D 74 18.00 -5.35 19.60
C TRP D 74 18.34 -5.81 18.19
N PHE D 75 19.62 -6.08 17.93
CA PHE D 75 20.04 -6.49 16.60
C PHE D 75 19.53 -7.89 16.27
N GLN D 76 19.72 -8.83 17.20
CA GLN D 76 19.25 -10.18 16.98
C GLN D 76 17.74 -10.21 16.83
N ALA D 77 17.03 -9.33 17.53
CA ALA D 77 15.59 -9.22 17.33
C ALA D 77 15.27 -8.77 15.91
N PHE D 78 16.07 -7.84 15.37
CA PHE D 78 15.84 -7.36 14.02
C PHE D 78 16.06 -8.47 12.99
N LEU D 79 17.13 -9.24 13.12
CA LEU D 79 17.35 -10.35 12.18
C LEU D 79 16.20 -11.35 12.21
N ASP D 80 15.78 -11.75 13.41
CA ASP D 80 14.69 -12.73 13.52
C ASP D 80 13.39 -12.17 12.96
N ALA D 81 13.10 -10.90 13.25
CA ALA D 81 11.89 -10.28 12.71
C ALA D 81 11.90 -10.33 11.18
N LEU D 82 13.04 -10.00 10.57
CA LEU D 82 13.16 -10.10 9.12
C LEU D 82 12.79 -11.50 8.65
N TYR D 83 13.33 -12.52 9.32
CA TYR D 83 13.05 -13.89 8.90
C TYR D 83 11.56 -14.22 9.01
N HIS D 84 10.96 -13.98 10.18
CA HIS D 84 9.58 -14.40 10.37
C HIS D 84 8.62 -13.60 9.51
N ALA D 85 8.99 -12.38 9.11
CA ALA D 85 8.15 -11.63 8.18
C ALA D 85 8.25 -12.19 6.76
N GLY D 86 9.39 -12.75 6.39
CA GLY D 86 9.54 -13.30 5.04
C GLY D 86 10.77 -12.78 4.33
N TYR D 87 11.49 -11.85 4.95
CA TYR D 87 12.69 -11.27 4.34
C TYR D 87 13.88 -12.21 4.53
N CYS D 88 13.73 -13.42 3.99
CA CYS D 88 14.80 -14.40 4.10
C CYS D 88 16.05 -13.94 3.36
N GLY D 89 15.89 -13.42 2.15
CA GLY D 89 17.04 -12.97 1.38
C GLY D 89 17.76 -11.81 2.06
N LEU D 90 16.99 -10.82 2.53
CA LEU D 90 17.61 -9.71 3.23
C LEU D 90 18.24 -10.16 4.54
N CYS D 91 17.61 -11.10 5.23
CA CYS D 91 18.19 -11.63 6.46
C CYS D 91 19.53 -12.32 6.17
N GLU D 92 19.57 -13.13 5.11
CA GLU D 92 20.81 -13.82 4.76
C GLU D 92 21.91 -12.83 4.40
N ALA D 93 21.56 -11.72 3.75
CA ALA D 93 22.56 -10.73 3.40
C ALA D 93 23.13 -10.05 4.63
N ILE D 94 22.28 -9.72 5.61
CA ILE D 94 22.73 -9.04 6.81
C ILE D 94 23.60 -9.95 7.67
N GLU D 95 23.23 -11.24 7.75
CA GLU D 95 24.01 -12.14 8.60
C GLU D 95 25.46 -12.20 8.16
N SER D 96 25.71 -12.08 6.86
CA SER D 96 27.05 -12.13 6.31
C SER D 96 27.51 -10.79 5.74
N TRP D 97 26.65 -9.77 5.75
CA TRP D 97 26.98 -8.45 5.22
C TRP D 97 27.41 -8.54 3.76
N ASP D 98 26.86 -9.50 3.03
CA ASP D 98 27.12 -9.70 1.62
C ASP D 98 25.83 -9.46 0.85
N PHE D 99 25.75 -8.33 0.16
CA PHE D 99 24.58 -7.97 -0.62
C PHE D 99 24.77 -8.24 -2.11
N GLN D 100 25.67 -9.15 -2.47
CA GLN D 100 25.88 -9.44 -3.89
C GLN D 100 24.61 -9.95 -4.54
N LYS D 101 23.92 -10.89 -3.89
CA LYS D 101 22.70 -11.43 -4.47
C LYS D 101 21.63 -10.36 -4.66
N ILE D 102 21.59 -9.36 -3.79
CA ILE D 102 20.61 -8.29 -3.93
C ILE D 102 21.09 -7.25 -4.94
N GLU D 103 22.40 -7.01 -5.01
CA GLU D 103 22.93 -6.13 -6.05
C GLU D 103 22.64 -6.68 -7.45
N LYS D 104 22.82 -8.00 -7.63
CA LYS D 104 22.63 -8.60 -8.95
C LYS D 104 21.20 -8.43 -9.45
N LEU D 105 20.23 -8.22 -8.57
CA LEU D 105 18.85 -8.03 -8.98
C LEU D 105 18.57 -6.65 -9.55
N GLU D 106 19.48 -5.69 -9.34
CA GLU D 106 19.25 -4.33 -9.80
C GLU D 106 18.94 -4.29 -11.29
N GLU D 107 19.60 -5.15 -12.07
CA GLU D 107 19.36 -5.15 -13.51
C GLU D 107 17.91 -5.46 -13.84
N HIS D 108 17.31 -6.41 -13.11
CA HIS D 108 15.93 -6.78 -13.37
C HIS D 108 14.93 -5.87 -12.66
N ARG D 109 15.35 -5.16 -11.62
CA ARG D 109 14.51 -4.10 -11.07
C ARG D 109 14.31 -2.99 -12.09
N LEU D 110 15.37 -2.60 -12.79
CA LEU D 110 15.25 -1.56 -13.80
C LEU D 110 14.42 -2.04 -14.98
N LEU D 111 14.59 -3.29 -15.39
CA LEU D 111 13.85 -3.81 -16.54
C LEU D 111 12.36 -3.86 -16.23
N LEU D 112 11.99 -4.38 -15.06
CA LEU D 112 10.58 -4.44 -14.71
C LEU D 112 10.00 -3.04 -14.52
N ARG D 113 10.82 -2.09 -14.07
CA ARG D 113 10.40 -0.70 -14.02
C ARG D 113 10.12 -0.17 -15.42
N ARG D 114 11.04 -0.44 -16.36
CA ARG D 114 10.83 -0.03 -17.75
C ARG D 114 9.55 -0.62 -18.31
N LEU D 115 9.31 -1.90 -18.06
CA LEU D 115 8.26 -2.66 -18.72
C LEU D 115 6.96 -2.71 -17.93
N GLU D 116 6.83 -1.91 -16.87
CA GLU D 116 5.62 -1.96 -16.07
C GLU D 116 4.36 -1.66 -16.89
N PRO D 117 4.35 -0.68 -17.80
CA PRO D 117 3.15 -0.48 -18.63
C PRO D 117 2.76 -1.71 -19.44
N GLU D 118 3.73 -2.40 -20.03
CA GLU D 118 3.42 -3.62 -20.76
C GLU D 118 2.97 -4.73 -19.83
N PHE D 119 3.55 -4.78 -18.63
CA PHE D 119 3.13 -5.75 -17.63
C PHE D 119 1.67 -5.56 -17.24
N LYS D 120 1.30 -4.32 -16.93
CA LYS D 120 -0.08 -4.04 -16.50
C LYS D 120 -1.09 -4.37 -17.58
N ALA D 121 -0.68 -4.30 -18.84
CA ALA D 121 -1.62 -4.51 -19.95
C ALA D 121 -1.85 -5.97 -20.29
N THR D 122 -0.91 -6.86 -19.95
CA THR D 122 -0.97 -8.24 -20.40
C THR D 122 -0.92 -9.30 -19.31
N VAL D 123 -0.70 -8.93 -18.05
CA VAL D 123 -0.54 -9.91 -16.97
C VAL D 123 -1.72 -9.81 -16.02
N ASP D 124 -2.22 -10.98 -15.59
CA ASP D 124 -3.22 -11.06 -14.55
C ASP D 124 -2.62 -11.69 -13.31
N PRO D 125 -2.49 -10.97 -12.20
CA PRO D 125 -1.86 -11.56 -11.00
C PRO D 125 -2.52 -12.86 -10.55
N ASN D 126 -3.82 -13.01 -10.78
CA ASN D 126 -4.51 -14.24 -10.40
C ASN D 126 -3.91 -15.48 -11.05
N ASP D 127 -3.13 -15.30 -12.12
CA ASP D 127 -2.60 -16.43 -12.86
C ASP D 127 -1.23 -16.86 -12.38
N ILE D 128 -0.45 -15.95 -11.80
CA ILE D 128 0.92 -16.21 -11.42
C ILE D 128 1.23 -15.89 -9.96
N LEU D 129 0.26 -15.33 -9.24
CA LEU D 129 0.53 -14.94 -7.85
C LEU D 129 0.93 -16.13 -7.00
N SER D 130 0.29 -17.29 -7.21
CA SER D 130 0.64 -18.48 -6.43
C SER D 130 2.07 -18.94 -6.72
N GLU D 131 2.46 -18.94 -7.99
CA GLU D 131 3.81 -19.37 -8.34
C GLU D 131 4.88 -18.45 -7.78
N LEU D 132 4.56 -17.17 -7.57
CA LEU D 132 5.52 -16.17 -7.12
C LEU D 132 5.41 -15.87 -5.63
N SER D 133 4.56 -16.59 -4.90
CA SER D 133 4.31 -16.25 -3.51
C SER D 133 5.59 -16.30 -2.68
N GLU D 134 6.46 -17.26 -2.96
CA GLU D 134 7.73 -17.36 -2.24
C GLU D 134 8.70 -16.24 -2.59
N CYS D 135 8.34 -15.33 -3.50
CA CYS D 135 9.14 -14.17 -3.80
C CYS D 135 8.63 -12.90 -3.14
N LEU D 136 7.45 -12.94 -2.53
CA LEU D 136 6.80 -11.80 -1.93
C LEU D 136 6.53 -12.09 -0.46
N ILE D 137 6.35 -11.02 0.32
CA ILE D 137 5.88 -11.20 1.68
C ILE D 137 4.43 -11.66 1.66
N ASN D 138 4.05 -12.52 2.60
CA ASN D 138 2.69 -13.06 2.60
C ASN D 138 1.66 -11.94 2.64
N GLN D 139 1.94 -10.88 3.41
CA GLN D 139 1.00 -9.77 3.48
C GLN D 139 0.92 -9.02 2.16
N GLU D 140 2.02 -9.00 1.39
CA GLU D 140 1.97 -8.37 0.07
C GLU D 140 1.06 -9.13 -0.87
N CYS D 141 1.11 -10.47 -0.83
CA CYS D 141 0.21 -11.27 -1.65
C CYS D 141 -1.25 -10.97 -1.30
N GLU D 142 -1.55 -10.77 -0.02
CA GLU D 142 -2.92 -10.47 0.37
C GLU D 142 -3.39 -9.12 -0.17
N GLU D 143 -2.50 -8.12 -0.15
CA GLU D 143 -2.88 -6.81 -0.67
C GLU D 143 -3.00 -6.82 -2.19
N ILE D 144 -2.19 -7.64 -2.87
CA ILE D 144 -2.32 -7.78 -4.32
C ILE D 144 -3.67 -8.37 -4.68
N ARG D 145 -4.13 -9.36 -3.91
CA ARG D 145 -5.42 -9.99 -4.18
C ARG D 145 -6.57 -9.05 -3.87
N GLN D 146 -6.47 -8.30 -2.76
CA GLN D 146 -7.52 -7.34 -2.45
C GLN D 146 -7.65 -6.30 -3.56
N ILE D 147 -6.52 -5.78 -4.05
CA ILE D 147 -6.57 -4.81 -5.14
C ILE D 147 -7.15 -5.45 -6.39
N ARG D 148 -6.67 -6.66 -6.72
CA ARG D 148 -7.17 -7.35 -7.90
C ARG D 148 -8.67 -7.57 -7.83
N ASP D 149 -9.19 -7.85 -6.63
CA ASP D 149 -10.60 -8.18 -6.49
C ASP D 149 -11.50 -6.95 -6.37
N THR D 150 -10.96 -5.81 -5.95
CA THR D 150 -11.75 -4.59 -5.79
C THR D 150 -11.51 -3.56 -6.89
N LYS D 151 -10.31 -3.50 -7.46
CA LYS D 151 -9.96 -2.45 -8.43
C LYS D 151 -9.67 -2.96 -9.83
N GLY D 152 -9.46 -4.25 -10.02
CA GLY D 152 -9.33 -4.83 -11.34
C GLY D 152 -7.96 -5.41 -11.59
N ARG D 153 -7.76 -5.84 -12.84
CA ARG D 153 -6.55 -6.57 -13.21
C ARG D 153 -5.34 -5.66 -13.23
N MET D 154 -5.44 -4.52 -13.92
CA MET D 154 -4.30 -3.61 -14.04
C MET D 154 -3.84 -3.11 -12.67
N ALA D 155 -4.78 -2.76 -11.80
CA ALA D 155 -4.41 -2.29 -10.47
C ALA D 155 -3.66 -3.37 -9.70
N GLY D 156 -4.14 -4.61 -9.77
CA GLY D 156 -3.43 -5.70 -9.13
C GLY D 156 -2.10 -5.99 -9.82
N ALA D 157 -2.09 -5.89 -11.15
CA ALA D 157 -0.84 -6.11 -11.89
C ALA D 157 0.21 -5.07 -11.52
N GLU D 158 -0.21 -3.81 -11.36
CA GLU D 158 0.75 -2.77 -10.97
C GLU D 158 1.27 -3.00 -9.56
N LYS D 159 0.37 -3.40 -8.64
CA LYS D 159 0.80 -3.71 -7.28
C LYS D 159 1.80 -4.86 -7.28
N MET D 160 1.56 -5.88 -8.09
CA MET D 160 2.48 -7.00 -8.14
C MET D 160 3.84 -6.57 -8.67
N ALA D 161 3.86 -5.79 -9.76
CA ALA D 161 5.13 -5.34 -10.32
C ALA D 161 5.93 -4.54 -9.31
N GLU D 162 5.28 -3.66 -8.55
CA GLU D 162 5.99 -2.88 -7.54
C GLU D 162 6.55 -3.77 -6.43
N CYS D 163 5.86 -4.87 -6.10
CA CYS D 163 6.34 -5.74 -5.03
C CYS D 163 7.52 -6.59 -5.49
N LEU D 164 7.46 -7.11 -6.72
CA LEU D 164 8.59 -7.88 -7.23
C LEU D 164 9.85 -7.01 -7.31
N ILE D 165 9.70 -5.75 -7.74
CA ILE D 165 10.84 -4.86 -7.83
C ILE D 165 11.54 -4.74 -6.48
N ARG D 166 10.79 -4.82 -5.38
CA ARG D 166 11.36 -4.71 -4.04
C ARG D 166 11.64 -6.07 -3.40
N SER D 167 11.58 -7.15 -4.18
CA SER D 167 11.82 -8.48 -3.64
C SER D 167 13.30 -8.71 -3.38
N ASP D 168 13.59 -9.43 -2.29
CA ASP D 168 14.95 -9.84 -1.95
C ASP D 168 15.21 -11.30 -2.32
N LYS D 169 14.30 -11.92 -3.07
CA LYS D 169 14.48 -13.29 -3.53
C LYS D 169 15.43 -13.30 -4.73
N GLU D 170 16.55 -14.03 -4.59
CA GLU D 170 17.62 -13.95 -5.58
C GLU D 170 17.21 -14.40 -6.98
N ASN D 171 16.16 -15.21 -7.10
CA ASN D 171 15.80 -15.81 -8.39
C ASN D 171 14.37 -15.46 -8.81
N TRP D 172 13.85 -14.34 -8.33
CA TRP D 172 12.50 -13.96 -8.73
C TRP D 172 12.39 -13.66 -10.22
N PRO D 173 13.44 -13.14 -10.88
CA PRO D 173 13.35 -12.99 -12.34
C PRO D 173 13.12 -14.30 -13.07
N LYS D 174 13.80 -15.37 -12.66
CA LYS D 174 13.62 -16.66 -13.30
C LYS D 174 12.26 -17.26 -12.95
N VAL D 175 11.82 -17.08 -11.70
CA VAL D 175 10.51 -17.56 -11.29
C VAL D 175 9.41 -16.87 -12.11
N LEU D 176 9.56 -15.57 -12.35
CA LEU D 176 8.57 -14.84 -13.13
C LEU D 176 8.54 -15.36 -14.57
N GLN D 177 9.71 -15.57 -15.17
CA GLN D 177 9.75 -16.11 -16.52
C GLN D 177 9.03 -17.45 -16.62
N LEU D 178 9.31 -18.34 -15.68
CA LEU D 178 8.73 -19.68 -15.72
C LEU D 178 7.22 -19.63 -15.52
N ALA D 179 6.75 -18.83 -14.56
CA ALA D 179 5.31 -18.73 -14.33
C ALA D 179 4.60 -18.12 -15.53
N LEU D 180 5.18 -17.07 -16.12
CA LEU D 180 4.58 -16.46 -17.30
C LEU D 180 4.59 -17.44 -18.48
N GLU D 181 5.64 -18.24 -18.60
CA GLU D 181 5.69 -19.23 -19.67
C GLU D 181 4.73 -20.38 -19.39
N LYS D 182 4.57 -20.75 -18.13
CA LYS D 182 3.64 -21.83 -17.79
C LYS D 182 2.21 -21.49 -18.22
N ASP D 183 1.84 -20.21 -18.11
CA ASP D 183 0.52 -19.75 -18.53
C ASP D 183 0.49 -19.31 -19.98
N ASN D 184 1.64 -19.25 -20.65
CA ASN D 184 1.70 -18.80 -22.04
C ASN D 184 1.10 -17.41 -22.20
N SER D 185 1.84 -16.38 -21.80
CA SER D 185 1.36 -15.01 -21.80
C SER D 185 2.19 -14.18 -22.77
N LYS D 186 1.53 -13.18 -23.38
CA LYS D 186 2.21 -12.32 -24.34
C LYS D 186 3.39 -11.58 -23.73
N PHE D 187 3.40 -11.41 -22.40
CA PHE D 187 4.51 -10.70 -21.76
C PHE D 187 5.77 -11.56 -21.68
N SER D 188 5.62 -12.89 -21.67
CA SER D 188 6.79 -13.76 -21.58
C SER D 188 7.75 -13.52 -22.74
N GLU D 189 7.22 -13.21 -23.93
CA GLU D 189 8.08 -12.94 -25.07
C GLU D 189 9.00 -11.74 -24.84
N LEU D 190 8.64 -10.86 -23.90
CA LEU D 190 9.45 -9.70 -23.57
C LEU D 190 10.29 -9.91 -22.32
N TRP D 191 10.10 -11.04 -21.62
CA TRP D 191 10.76 -11.32 -20.35
C TRP D 191 11.64 -12.55 -20.55
N ILE D 192 12.93 -12.33 -20.83
CA ILE D 192 13.89 -13.41 -21.01
C ILE D 192 15.00 -13.22 -19.98
N VAL D 193 15.36 -14.32 -19.30
CA VAL D 193 16.36 -14.26 -18.24
C VAL D 193 17.49 -15.24 -18.54
N SER E 3 -27.18 -42.49 -33.62
CA SER E 3 -26.72 -43.59 -32.77
C SER E 3 -25.75 -44.49 -33.53
N ALA E 4 -26.24 -45.13 -34.59
CA ALA E 4 -25.41 -46.03 -35.37
C ALA E 4 -24.35 -45.28 -36.16
N ARG E 5 -24.67 -44.07 -36.65
CA ARG E 5 -23.68 -43.29 -37.38
C ARG E 5 -22.62 -42.73 -36.43
N GLN E 6 -23.05 -42.17 -35.30
CA GLN E 6 -22.10 -41.60 -34.35
C GLN E 6 -21.17 -42.67 -33.78
N THR E 7 -21.69 -43.87 -33.53
CA THR E 7 -20.87 -44.92 -32.94
C THR E 7 -19.82 -45.43 -33.92
N ALA E 8 -20.20 -45.66 -35.18
CA ALA E 8 -19.23 -46.14 -36.16
C ALA E 8 -18.05 -45.20 -36.27
N GLU E 9 -18.32 -43.89 -36.26
CA GLU E 9 -17.23 -42.91 -36.29
C GLU E 9 -16.43 -42.93 -35.00
N GLN E 10 -17.09 -43.16 -33.86
CA GLN E 10 -16.38 -43.20 -32.59
C GLN E 10 -15.37 -44.35 -32.55
N ARG E 11 -15.73 -45.50 -33.14
CA ARG E 11 -14.79 -46.60 -33.20
C ARG E 11 -13.59 -46.27 -34.07
N GLN E 12 -13.82 -45.64 -35.23
CA GLN E 12 -12.72 -45.33 -36.14
C GLN E 12 -11.78 -44.29 -35.54
N ASN E 13 -12.32 -43.28 -34.85
CA ASN E 13 -11.47 -42.25 -34.29
C ASN E 13 -10.68 -42.77 -33.09
N LEU E 14 -11.31 -43.59 -32.26
CA LEU E 14 -10.62 -44.21 -31.14
C LEU E 14 -9.47 -45.07 -31.64
N GLN E 15 -9.73 -45.87 -32.67
CA GLN E 15 -8.70 -46.70 -33.29
C GLN E 15 -7.59 -45.84 -33.88
N ALA E 16 -7.94 -44.70 -34.46
CA ALA E 16 -6.95 -43.83 -35.09
C ALA E 16 -5.96 -43.28 -34.08
N PHE E 17 -6.42 -42.93 -32.88
CA PHE E 17 -5.59 -42.27 -31.88
C PHE E 17 -5.19 -43.22 -30.74
N ARG E 18 -5.10 -44.52 -31.03
CA ARG E 18 -4.88 -45.48 -29.95
C ARG E 18 -3.47 -45.40 -29.38
N ASP E 19 -2.49 -44.96 -30.18
CA ASP E 19 -1.13 -44.83 -29.64
C ASP E 19 -1.01 -43.63 -28.70
N TYR E 20 -1.78 -42.57 -28.96
CA TYR E 20 -1.80 -41.45 -28.03
C TYR E 20 -2.53 -41.80 -26.75
N ILE E 21 -3.62 -42.56 -26.84
CA ILE E 21 -4.40 -42.91 -25.67
C ILE E 21 -3.59 -43.83 -24.75
N LYS E 22 -3.00 -44.89 -25.32
CA LYS E 22 -2.31 -45.89 -24.51
C LYS E 22 -1.07 -45.35 -23.82
N LYS E 23 -0.53 -44.21 -24.26
CA LYS E 23 0.62 -43.62 -23.59
C LYS E 23 0.24 -42.72 -22.42
N ILE E 24 -1.04 -42.40 -22.27
CA ILE E 24 -1.52 -41.58 -21.16
C ILE E 24 -2.45 -42.38 -20.24
N LEU E 25 -3.32 -43.20 -20.81
CA LEU E 25 -4.41 -43.80 -20.04
C LEU E 25 -3.90 -45.03 -19.30
N ASP E 26 -4.05 -45.02 -17.98
CA ASP E 26 -3.92 -46.21 -17.14
C ASP E 26 -5.33 -46.67 -16.80
N PRO E 27 -5.83 -47.75 -17.40
CA PRO E 27 -7.24 -48.12 -17.19
C PRO E 27 -7.58 -48.39 -15.74
N THR E 28 -6.58 -48.65 -14.89
CA THR E 28 -6.83 -48.88 -13.47
C THR E 28 -7.59 -47.72 -12.82
N TYR E 29 -7.49 -46.51 -13.38
CA TYR E 29 -8.15 -45.35 -12.80
C TYR E 29 -9.59 -45.20 -13.29
N ILE E 30 -9.96 -45.88 -14.37
CA ILE E 30 -11.32 -45.86 -14.88
C ILE E 30 -11.94 -47.25 -14.88
N LEU E 31 -11.43 -48.13 -14.01
CA LEU E 31 -11.94 -49.51 -13.95
C LEU E 31 -13.25 -49.61 -13.20
N SER E 32 -13.50 -48.72 -12.24
CA SER E 32 -14.77 -48.75 -11.51
C SER E 32 -15.93 -48.38 -12.41
N TYR E 33 -15.82 -47.25 -13.11
CA TYR E 33 -16.90 -46.79 -13.99
C TYR E 33 -16.97 -47.58 -15.29
N MET E 34 -15.95 -48.36 -15.62
CA MET E 34 -15.94 -49.14 -16.86
C MET E 34 -15.90 -50.64 -16.63
N SER E 35 -16.00 -51.10 -15.39
CA SER E 35 -16.05 -52.54 -15.12
C SER E 35 -17.41 -53.12 -15.45
N SER E 36 -18.47 -52.31 -15.39
CA SER E 36 -19.82 -52.77 -15.70
C SER E 36 -20.07 -52.92 -17.19
N TRP E 37 -19.18 -52.42 -18.05
CA TRP E 37 -19.33 -52.54 -19.49
C TRP E 37 -18.46 -53.63 -20.09
N LEU E 38 -17.53 -54.18 -19.31
CA LEU E 38 -16.63 -55.24 -19.76
C LEU E 38 -16.89 -56.49 -18.92
N GLU E 39 -16.59 -57.65 -19.50
CA GLU E 39 -16.75 -58.90 -18.77
C GLU E 39 -15.88 -58.89 -17.52
N ASP E 40 -16.38 -59.56 -16.47
CA ASP E 40 -15.60 -59.67 -15.24
C ASP E 40 -14.25 -60.29 -15.52
N GLU E 41 -14.20 -61.28 -16.43
CA GLU E 41 -12.93 -61.88 -16.79
C GLU E 41 -12.02 -60.86 -17.46
N GLU E 42 -12.57 -60.05 -18.36
CA GLU E 42 -11.78 -59.04 -19.04
C GLU E 42 -11.31 -57.95 -18.07
N VAL E 43 -12.15 -57.59 -17.10
CA VAL E 43 -11.75 -56.58 -16.11
C VAL E 43 -10.52 -57.04 -15.36
N GLN E 44 -10.54 -58.27 -14.85
CA GLN E 44 -9.38 -58.78 -14.13
C GLN E 44 -8.25 -59.13 -15.08
N TYR E 45 -8.58 -59.55 -16.31
CA TYR E 45 -7.56 -59.82 -17.31
C TYR E 45 -6.76 -58.55 -17.61
N ILE E 46 -7.44 -57.42 -17.73
CA ILE E 46 -6.73 -56.15 -17.93
C ILE E 46 -5.83 -55.84 -16.74
N GLN E 47 -6.30 -56.19 -15.54
CA GLN E 47 -5.49 -55.96 -14.34
C GLN E 47 -4.23 -56.80 -14.35
N ALA E 48 -4.34 -58.06 -14.79
CA ALA E 48 -3.17 -58.91 -14.88
C ALA E 48 -2.14 -58.34 -15.87
N GLU E 49 -2.62 -57.76 -16.97
CA GLU E 49 -1.72 -57.14 -17.93
C GLU E 49 -0.99 -55.94 -17.31
N LYS E 50 -1.66 -55.21 -16.43
CA LYS E 50 -1.05 -54.06 -15.77
C LYS E 50 0.05 -54.48 -14.80
N ASN E 51 -0.22 -55.49 -13.97
CA ASN E 51 0.75 -55.87 -12.95
C ASN E 51 1.99 -56.53 -13.54
N ASN E 52 1.87 -57.25 -14.64
CA ASN E 52 2.99 -57.99 -15.18
C ASN E 52 3.78 -57.23 -16.24
N LYS E 53 3.13 -56.30 -16.95
CA LYS E 53 3.78 -55.59 -18.05
C LYS E 53 3.69 -54.08 -17.97
N GLY E 54 2.70 -53.52 -17.26
CA GLY E 54 2.62 -52.10 -17.08
C GLY E 54 1.33 -51.48 -17.56
N PRO E 55 1.17 -50.17 -17.30
CA PRO E 55 -0.09 -49.50 -17.68
C PRO E 55 -0.35 -49.51 -19.17
N MET E 56 0.69 -49.35 -20.00
CA MET E 56 0.47 -49.19 -21.43
C MET E 56 -0.14 -50.44 -22.05
N GLU E 57 0.36 -51.62 -21.68
CA GLU E 57 -0.23 -52.85 -22.21
C GLU E 57 -1.67 -53.02 -21.75
N ALA E 58 -2.01 -52.55 -20.54
CA ALA E 58 -3.38 -52.60 -20.08
C ALA E 58 -4.28 -51.68 -20.91
N ALA E 59 -3.82 -50.47 -21.22
CA ALA E 59 -4.63 -49.56 -22.03
C ALA E 59 -4.81 -50.10 -23.44
N SER E 60 -3.75 -50.62 -24.05
CA SER E 60 -3.87 -51.21 -25.38
C SER E 60 -4.83 -52.39 -25.36
N LEU E 61 -4.72 -53.23 -24.33
CA LEU E 61 -5.65 -54.35 -24.18
C LEU E 61 -7.05 -53.85 -23.86
N PHE E 62 -7.16 -52.83 -23.00
CA PHE E 62 -8.46 -52.27 -22.66
C PHE E 62 -9.17 -51.70 -23.87
N LEU E 63 -8.44 -51.02 -24.76
CA LEU E 63 -9.08 -50.42 -25.94
C LEU E 63 -9.61 -51.49 -26.89
N GLN E 64 -8.86 -52.59 -27.06
CA GLN E 64 -9.36 -53.68 -27.89
C GLN E 64 -10.68 -54.22 -27.36
N TYR E 65 -10.79 -54.40 -26.04
CA TYR E 65 -12.05 -54.81 -25.46
C TYR E 65 -13.13 -53.77 -25.71
N LEU E 66 -12.80 -52.50 -25.49
CA LEU E 66 -13.76 -51.42 -25.69
C LEU E 66 -14.24 -51.39 -27.13
N LEU E 67 -13.36 -51.68 -28.09
CA LEU E 67 -13.69 -51.61 -29.50
C LEU E 67 -14.53 -52.80 -29.99
N LYS E 68 -14.77 -53.80 -29.15
CA LYS E 68 -15.60 -54.93 -29.51
C LYS E 68 -16.97 -54.89 -28.86
N LEU E 69 -17.21 -53.94 -27.96
CA LEU E 69 -18.51 -53.81 -27.32
C LEU E 69 -19.57 -53.41 -28.35
N GLN E 70 -20.81 -53.72 -28.00
CA GLN E 70 -21.95 -53.39 -28.84
C GLN E 70 -23.06 -52.64 -28.11
N SER E 71 -23.07 -52.66 -26.78
CA SER E 71 -24.10 -51.98 -26.02
C SER E 71 -24.13 -50.49 -26.37
N GLU E 72 -25.32 -49.91 -26.23
CA GLU E 72 -25.52 -48.50 -26.55
C GLU E 72 -24.86 -47.60 -25.53
N GLY E 73 -24.05 -46.65 -26.00
CA GLY E 73 -23.49 -45.62 -25.15
C GLY E 73 -22.17 -45.93 -24.49
N TRP E 74 -21.45 -46.97 -24.93
CA TRP E 74 -20.16 -47.29 -24.31
C TRP E 74 -19.16 -46.15 -24.46
N PHE E 75 -19.20 -45.42 -25.58
CA PHE E 75 -18.23 -44.35 -25.81
C PHE E 75 -18.47 -43.17 -24.89
N GLN E 76 -19.71 -42.68 -24.81
CA GLN E 76 -20.00 -41.56 -23.93
C GLN E 76 -19.74 -41.90 -22.47
N ALA E 77 -20.00 -43.16 -22.08
CA ALA E 77 -19.65 -43.60 -20.74
C ALA E 77 -18.14 -43.54 -20.51
N PHE E 78 -17.36 -43.88 -21.55
CA PHE E 78 -15.91 -43.81 -21.44
C PHE E 78 -15.43 -42.39 -21.20
N LEU E 79 -15.99 -41.42 -21.92
CA LEU E 79 -15.63 -40.03 -21.70
C LEU E 79 -15.90 -39.60 -20.26
N ASP E 80 -17.08 -39.96 -19.74
CA ASP E 80 -17.42 -39.60 -18.36
C ASP E 80 -16.44 -40.20 -17.37
N ALA E 81 -16.05 -41.46 -17.57
CA ALA E 81 -15.09 -42.10 -16.69
C ALA E 81 -13.76 -41.34 -16.71
N LEU E 82 -13.27 -40.99 -17.90
CA LEU E 82 -12.03 -40.22 -18.00
C LEU E 82 -12.13 -38.93 -17.19
N TYR E 83 -13.24 -38.20 -17.37
CA TYR E 83 -13.39 -36.93 -16.66
C TYR E 83 -13.39 -37.13 -15.15
N HIS E 84 -14.25 -38.03 -14.65
CA HIS E 84 -14.35 -38.21 -13.20
C HIS E 84 -13.08 -38.85 -12.62
N ALA E 85 -12.33 -39.58 -13.43
CA ALA E 85 -11.04 -40.09 -12.97
C ALA E 85 -9.99 -38.99 -12.90
N GLY E 86 -10.07 -37.99 -13.78
CA GLY E 86 -9.12 -36.91 -13.75
C GLY E 86 -8.43 -36.65 -15.09
N TYR E 87 -8.70 -37.50 -16.08
CA TYR E 87 -8.07 -37.37 -17.40
C TYR E 87 -8.79 -36.32 -18.24
N CYS E 88 -8.79 -35.09 -17.71
CA CYS E 88 -9.44 -33.99 -18.41
C CYS E 88 -8.75 -33.70 -19.74
N GLY E 89 -7.42 -33.68 -19.75
CA GLY E 89 -6.70 -33.42 -20.98
C GLY E 89 -6.94 -34.50 -22.03
N LEU E 90 -6.85 -35.76 -21.62
CA LEU E 90 -7.09 -36.86 -22.55
C LEU E 90 -8.55 -36.88 -22.99
N CYS E 91 -9.48 -36.59 -22.07
CA CYS E 91 -10.89 -36.52 -22.43
C CYS E 91 -11.16 -35.41 -23.42
N GLU E 92 -10.59 -34.23 -23.20
CA GLU E 92 -10.81 -33.10 -24.11
C GLU E 92 -10.28 -33.41 -25.51
N ALA E 93 -9.16 -34.14 -25.59
CA ALA E 93 -8.60 -34.46 -26.90
C ALA E 93 -9.53 -35.38 -27.68
N ILE E 94 -10.10 -36.39 -27.01
CA ILE E 94 -11.00 -37.30 -27.69
C ILE E 94 -12.30 -36.60 -28.08
N GLU E 95 -12.82 -35.75 -27.20
CA GLU E 95 -14.08 -35.07 -27.47
C GLU E 95 -14.01 -34.21 -28.72
N SER E 96 -12.83 -33.64 -29.02
CA SER E 96 -12.66 -32.78 -30.17
C SER E 96 -11.79 -33.42 -31.26
N TRP E 97 -11.24 -34.60 -31.01
CA TRP E 97 -10.40 -35.30 -31.97
C TRP E 97 -9.21 -34.44 -32.39
N ASP E 98 -8.56 -33.83 -31.39
CA ASP E 98 -7.37 -33.02 -31.61
C ASP E 98 -6.37 -33.39 -30.51
N PHE E 99 -5.35 -34.17 -30.85
CA PHE E 99 -4.32 -34.57 -29.91
C PHE E 99 -3.04 -33.76 -30.07
N GLN E 100 -3.14 -32.56 -30.66
CA GLN E 100 -1.95 -31.71 -30.80
C GLN E 100 -1.35 -31.40 -29.44
N LYS E 101 -2.21 -31.07 -28.46
CA LYS E 101 -1.72 -30.77 -27.12
C LYS E 101 -0.98 -31.95 -26.53
N ILE E 102 -1.39 -33.17 -26.88
CA ILE E 102 -0.68 -34.36 -26.44
C ILE E 102 0.51 -34.67 -27.35
N GLU E 103 0.49 -34.16 -28.59
CA GLU E 103 1.62 -34.34 -29.50
C GLU E 103 2.86 -33.63 -28.96
N LYS E 104 2.74 -32.33 -28.70
CA LYS E 104 3.87 -31.53 -28.25
C LYS E 104 4.53 -32.10 -27.01
N LEU E 105 3.83 -32.94 -26.25
CA LEU E 105 4.41 -33.52 -25.04
C LEU E 105 5.38 -34.65 -25.33
N GLU E 106 5.35 -35.20 -26.55
CA GLU E 106 6.24 -36.32 -26.90
C GLU E 106 7.70 -35.96 -26.65
N GLU E 107 8.07 -34.72 -26.91
CA GLU E 107 9.46 -34.29 -26.77
C GLU E 107 9.97 -34.46 -25.34
N HIS E 108 9.16 -34.05 -24.36
CA HIS E 108 9.59 -34.11 -22.97
C HIS E 108 9.27 -35.42 -22.27
N ARG E 109 8.32 -36.21 -22.79
CA ARG E 109 8.11 -37.55 -22.26
C ARG E 109 9.36 -38.40 -22.42
N LEU E 110 10.01 -38.31 -23.59
CA LEU E 110 11.23 -39.08 -23.82
C LEU E 110 12.38 -38.58 -22.95
N LEU E 111 12.48 -37.27 -22.76
CA LEU E 111 13.59 -36.70 -21.98
C LEU E 111 13.52 -37.12 -20.51
N LEU E 112 12.33 -37.04 -19.91
CA LEU E 112 12.21 -37.37 -18.49
C LEU E 112 12.54 -38.83 -18.22
N ARG E 113 11.98 -39.74 -19.00
CA ARG E 113 12.23 -41.16 -18.78
C ARG E 113 13.71 -41.48 -18.93
N ARG E 114 14.32 -41.05 -20.03
CA ARG E 114 15.76 -41.25 -20.21
C ARG E 114 16.55 -40.69 -19.04
N LEU E 115 16.05 -39.65 -18.40
CA LEU E 115 16.68 -39.05 -17.22
C LEU E 115 16.11 -39.58 -15.92
N GLU E 116 15.31 -40.65 -15.97
CA GLU E 116 14.71 -41.17 -14.75
C GLU E 116 15.75 -41.56 -13.69
N PRO E 117 16.88 -42.18 -14.04
CA PRO E 117 17.89 -42.46 -12.99
C PRO E 117 18.39 -41.22 -12.28
N GLU E 118 18.66 -40.13 -13.00
CA GLU E 118 19.08 -38.90 -12.34
C GLU E 118 17.96 -38.28 -11.53
N PHE E 119 16.71 -38.42 -12.00
CA PHE E 119 15.57 -37.90 -11.26
C PHE E 119 15.46 -38.56 -9.88
N LYS E 120 15.55 -39.89 -9.86
CA LYS E 120 15.42 -40.63 -8.60
C LYS E 120 16.52 -40.28 -7.61
N ALA E 121 17.69 -39.85 -8.08
CA ALA E 121 18.82 -39.63 -7.20
C ALA E 121 18.80 -38.27 -6.51
N THR E 122 18.12 -37.28 -7.07
CA THR E 122 18.17 -35.92 -6.54
C THR E 122 16.82 -35.31 -6.22
N VAL E 123 15.71 -35.97 -6.56
CA VAL E 123 14.38 -35.42 -6.34
C VAL E 123 13.66 -36.23 -5.29
N ASP E 124 12.99 -35.54 -4.37
CA ASP E 124 12.16 -36.17 -3.35
C ASP E 124 10.70 -35.81 -3.60
N PRO E 125 9.82 -36.78 -3.84
CA PRO E 125 8.42 -36.44 -4.13
C PRO E 125 7.77 -35.56 -3.07
N ASN E 126 8.22 -35.67 -1.81
CA ASN E 126 7.66 -34.85 -0.75
C ASN E 126 7.84 -33.35 -1.00
N ASP E 127 8.75 -32.97 -1.88
CA ASP E 127 9.07 -31.56 -2.09
C ASP E 127 8.28 -30.92 -3.22
N ILE E 128 7.87 -31.70 -4.24
CA ILE E 128 7.23 -31.15 -5.43
C ILE E 128 5.92 -31.84 -5.79
N LEU E 129 5.51 -32.86 -5.03
CA LEU E 129 4.30 -33.61 -5.41
C LEU E 129 3.08 -32.70 -5.47
N SER E 130 2.94 -31.79 -4.50
CA SER E 130 1.80 -30.87 -4.51
C SER E 130 1.86 -29.92 -5.69
N GLU E 131 3.05 -29.42 -6.02
CA GLU E 131 3.17 -28.49 -7.14
C GLU E 131 2.75 -29.14 -8.45
N LEU E 132 2.85 -30.46 -8.54
CA LEU E 132 2.52 -31.19 -9.76
C LEU E 132 1.13 -31.81 -9.70
N SER E 133 0.38 -31.58 -8.63
CA SER E 133 -0.92 -32.21 -8.47
C SER E 133 -1.88 -31.77 -9.57
N GLU E 134 -1.67 -30.58 -10.13
CA GLU E 134 -2.45 -30.14 -11.28
C GLU E 134 -2.13 -30.96 -12.53
N CYS E 135 -0.98 -31.63 -12.55
CA CYS E 135 -0.55 -32.42 -13.70
C CYS E 135 -0.84 -33.92 -13.53
N LEU E 136 -1.26 -34.36 -12.35
CA LEU E 136 -1.45 -35.77 -12.07
C LEU E 136 -2.88 -36.05 -11.66
N ILE E 137 -3.27 -37.32 -11.84
CA ILE E 137 -4.55 -37.81 -11.37
C ILE E 137 -4.57 -37.86 -9.84
N ASN E 138 -5.76 -37.64 -9.27
CA ASN E 138 -5.89 -37.64 -7.81
C ASN E 138 -5.38 -38.95 -7.22
N GLN E 139 -5.65 -40.07 -7.91
CA GLN E 139 -5.17 -41.36 -7.43
C GLN E 139 -3.65 -41.50 -7.58
N GLU E 140 -3.07 -40.85 -8.59
CA GLU E 140 -1.62 -40.93 -8.79
C GLU E 140 -0.86 -40.28 -7.64
N CYS E 141 -1.33 -39.13 -7.15
CA CYS E 141 -0.69 -38.51 -6.00
C CYS E 141 -0.76 -39.43 -4.78
N GLU E 142 -1.88 -40.14 -4.62
CA GLU E 142 -2.01 -41.08 -3.52
C GLU E 142 -1.07 -42.26 -3.68
N GLU E 143 -0.87 -42.73 -4.92
CA GLU E 143 0.04 -43.84 -5.15
C GLU E 143 1.49 -43.45 -4.93
N ILE E 144 1.85 -42.20 -5.25
CA ILE E 144 3.20 -41.72 -4.97
C ILE E 144 3.44 -41.71 -3.46
N ARG E 145 2.43 -41.30 -2.69
CA ARG E 145 2.54 -41.25 -1.25
C ARG E 145 2.59 -42.64 -0.63
N GLN E 146 1.84 -43.59 -1.20
CA GLN E 146 1.85 -44.95 -0.70
C GLN E 146 3.26 -45.55 -0.76
N ILE E 147 3.92 -45.42 -1.93
CA ILE E 147 5.27 -45.94 -2.10
C ILE E 147 6.27 -45.16 -1.25
N ARG E 148 6.17 -43.83 -1.25
CA ARG E 148 7.12 -43.02 -0.49
C ARG E 148 7.16 -43.40 0.98
N ASP E 149 6.01 -43.75 1.55
CA ASP E 149 5.94 -44.04 2.98
C ASP E 149 6.31 -45.48 3.33
N THR E 150 6.22 -46.41 2.37
CA THR E 150 6.52 -47.80 2.62
C THR E 150 7.85 -48.27 2.05
N LYS E 151 8.30 -47.70 0.92
CA LYS E 151 9.49 -48.18 0.25
C LYS E 151 10.65 -47.19 0.17
N GLY E 152 10.42 -45.90 0.42
CA GLY E 152 11.50 -44.93 0.50
C GLY E 152 11.37 -43.86 -0.57
N ARG E 153 12.41 -43.01 -0.63
CA ARG E 153 12.37 -41.83 -1.48
C ARG E 153 12.49 -42.17 -2.96
N MET E 154 13.50 -42.97 -3.33
CA MET E 154 13.71 -43.28 -4.73
C MET E 154 12.51 -44.00 -5.34
N ALA E 155 11.90 -44.92 -4.59
CA ALA E 155 10.74 -45.62 -5.10
C ALA E 155 9.62 -44.63 -5.43
N GLY E 156 9.39 -43.67 -4.55
CA GLY E 156 8.42 -42.63 -4.85
C GLY E 156 8.89 -41.70 -5.95
N ALA E 157 10.19 -41.38 -5.96
CA ALA E 157 10.73 -40.50 -7.00
C ALA E 157 10.60 -41.13 -8.38
N GLU E 158 10.86 -42.44 -8.48
CA GLU E 158 10.70 -43.12 -9.76
C GLU E 158 9.22 -43.21 -10.13
N LYS E 159 8.36 -43.45 -9.14
CA LYS E 159 6.92 -43.50 -9.39
C LYS E 159 6.41 -42.18 -9.93
N MET E 160 6.91 -41.05 -9.39
CA MET E 160 6.50 -39.74 -9.85
C MET E 160 6.89 -39.51 -11.31
N ALA E 161 8.14 -39.83 -11.66
CA ALA E 161 8.60 -39.62 -13.03
C ALA E 161 7.74 -40.38 -14.02
N GLU E 162 7.36 -41.62 -13.69
CA GLU E 162 6.52 -42.40 -14.57
C GLU E 162 5.13 -41.78 -14.71
N CYS E 163 4.63 -41.15 -13.65
CA CYS E 163 3.30 -40.53 -13.71
C CYS E 163 3.32 -39.21 -14.48
N LEU E 164 4.37 -38.40 -14.30
CA LEU E 164 4.48 -37.16 -15.08
C LEU E 164 4.57 -37.46 -16.57
N ILE E 165 5.37 -38.46 -16.94
CA ILE E 165 5.52 -38.81 -18.35
C ILE E 165 4.18 -39.17 -18.98
N ARG E 166 3.28 -39.78 -18.19
CA ARG E 166 1.97 -40.19 -18.67
C ARG E 166 0.89 -39.14 -18.41
N SER E 167 1.28 -37.93 -18.02
CA SER E 167 0.31 -36.87 -17.76
C SER E 167 -0.24 -36.33 -19.07
N ASP E 168 -1.53 -35.99 -19.05
CA ASP E 168 -2.21 -35.37 -20.18
C ASP E 168 -2.34 -33.87 -20.03
N LYS E 169 -1.65 -33.28 -19.04
CA LYS E 169 -1.63 -31.84 -18.84
C LYS E 169 -0.72 -31.19 -19.86
N GLU E 170 -1.25 -30.23 -20.63
CA GLU E 170 -0.53 -29.68 -21.76
C GLU E 170 0.80 -29.03 -21.37
N ASN E 171 0.92 -28.58 -20.11
CA ASN E 171 2.09 -27.82 -19.67
C ASN E 171 2.77 -28.47 -18.47
N TRP E 172 2.62 -29.79 -18.31
CA TRP E 172 3.25 -30.45 -17.18
C TRP E 172 4.77 -30.36 -17.21
N PRO E 173 5.45 -30.34 -18.36
CA PRO E 173 6.90 -30.07 -18.34
C PRO E 173 7.23 -28.72 -17.74
N LYS E 174 6.45 -27.68 -18.06
CA LYS E 174 6.70 -26.36 -17.51
C LYS E 174 6.30 -26.30 -16.03
N VAL E 175 5.21 -26.97 -15.66
CA VAL E 175 4.83 -27.04 -14.25
C VAL E 175 5.93 -27.73 -13.45
N LEU E 176 6.53 -28.78 -14.02
CA LEU E 176 7.63 -29.46 -13.33
C LEU E 176 8.82 -28.53 -13.16
N GLN E 177 9.15 -27.75 -14.20
CA GLN E 177 10.29 -26.85 -14.11
C GLN E 177 10.14 -25.88 -12.93
N LEU E 178 8.95 -25.32 -12.73
CA LEU E 178 8.74 -24.44 -11.58
C LEU E 178 8.92 -25.18 -10.26
N ALA E 179 8.38 -26.40 -10.17
CA ALA E 179 8.52 -27.17 -8.93
C ALA E 179 9.98 -27.48 -8.63
N LEU E 180 10.75 -27.83 -9.66
CA LEU E 180 12.16 -28.13 -9.45
C LEU E 180 12.92 -26.88 -8.99
N GLU E 181 12.60 -25.72 -9.57
CA GLU E 181 13.25 -24.48 -9.16
C GLU E 181 12.72 -24.01 -7.80
N LYS E 182 11.41 -24.16 -7.57
CA LYS E 182 10.82 -23.76 -6.30
C LYS E 182 11.40 -24.55 -5.13
N ASP E 183 11.69 -25.83 -5.35
CA ASP E 183 12.26 -26.69 -4.31
C ASP E 183 13.78 -26.66 -4.28
N ASN E 184 14.43 -25.99 -5.23
CA ASN E 184 15.88 -25.95 -5.30
C ASN E 184 16.48 -27.36 -5.34
N SER E 185 16.41 -28.00 -6.50
CA SER E 185 16.84 -29.39 -6.67
C SER E 185 18.00 -29.48 -7.64
N LYS E 186 18.90 -30.44 -7.37
CA LYS E 186 20.04 -30.68 -8.25
C LYS E 186 19.60 -31.10 -9.65
N PHE E 187 18.37 -31.63 -9.76
CA PHE E 187 17.84 -32.07 -11.05
C PHE E 187 17.43 -30.90 -11.94
N SER E 188 17.22 -29.73 -11.35
CA SER E 188 16.77 -28.57 -12.14
C SER E 188 17.74 -28.27 -13.27
N GLU E 189 19.04 -28.49 -13.07
CA GLU E 189 20.01 -28.27 -14.13
C GLU E 189 19.77 -29.15 -15.35
N LEU E 190 19.01 -30.24 -15.19
CA LEU E 190 18.75 -31.16 -16.29
C LEU E 190 17.39 -30.96 -16.96
N TRP E 191 16.53 -30.09 -16.42
CA TRP E 191 15.16 -29.94 -16.92
C TRP E 191 14.99 -28.52 -17.45
N ILE E 192 15.02 -28.36 -18.77
CA ILE E 192 14.91 -27.07 -19.41
C ILE E 192 13.65 -27.03 -20.26
N VAL E 193 13.24 -25.82 -20.62
CA VAL E 193 12.04 -25.55 -21.41
C VAL E 193 11.77 -26.65 -22.44
#